data_8SGD
#
_entry.id   8SGD
#
_cell.length_a   58.277
_cell.length_b   154.271
_cell.length_c   156.264
_cell.angle_alpha   90.00
_cell.angle_beta   90.00
_cell.angle_gamma   90.00
#
_symmetry.space_group_name_H-M   'P 21 21 21'
#
loop_
_entity.id
_entity.type
_entity.pdbx_description
1 polymer 'CDC10 isoform 1'
2 polymer 'CDC3 isoform 1'
3 non-polymer "GUANOSINE-5'-DIPHOSPHATE"
4 non-polymer 'SODIUM ION'
5 non-polymer "GUANOSINE-5'-TRIPHOSPHATE"
6 non-polymer 'MAGNESIUM ION'
7 water water
#
loop_
_entity_poly.entity_id
_entity_poly.type
_entity_poly.pdbx_seq_one_letter_code
_entity_poly.pdbx_strand_id
1 'polypeptide(L)'
;MSYVGFDTITNQIEHRLLKKGFQFNIMVVGQSGLGKSTLINTLFASHLIDSATGDDISALPVTKTTEMKISTHTLVEDRV
RLNINVIDTPGFGDFIDNSKAWEPIVKYIKEQHSQYLRKELTAQRERFITDTRVHAILYFLQPNGKELSRLDVEALKRLT
EIANVIPVIGKSDTLTLDERTEFRELIQNEFEKYNFKIYPYDSEELTDEELELNRSVRSIIPFAVVGSENEIEINGETFR
GRKTRWSAINVEDINQCDFVYLREFLIRTHLQDLIETTSYIHYEGFRARQLIALKENANSRSSAHMSSNAIQR
;
A,C
2 'polypeptide(L)'
;MGSSHHHHHHSQDPSFNLLCVGPDGIGKTTLMKTLFNNDDIEANLVKDYEEELANDQEEEEGQGEGHENQSQEQRHKVKI
KSYESVIEENGVKLNLNVIDTEGFGDFLNNDQKSWDPIIKEIDSRFDQYLDAENKINRHSINDKRIHACLYFIEPTGHYL
KPLDLKFMQSVYEKCNLIPVIAKSDILTDEEILSFKKTIMNQLIQSNIELFKPPIYSNDDAENSHLSERLFSSLPYAVIG
SNDIVENYSGNQVRGRSYPWGVIEVDNDNHSDFNLLKNLLIKQFMEELKERTSKILYENYRSSKLAKLG
;
B,D
#
loop_
_chem_comp.id
_chem_comp.type
_chem_comp.name
_chem_comp.formula
GDP RNA linking GUANOSINE-5'-DIPHOSPHATE 'C10 H15 N5 O11 P2'
GTP non-polymer GUANOSINE-5'-TRIPHOSPHATE 'C10 H16 N5 O14 P3'
MG non-polymer 'MAGNESIUM ION' 'Mg 2'
NA non-polymer 'SODIUM ION' 'Na 1'
#
# COMPACT_ATOMS: atom_id res chain seq x y z
N TYR A 3 52.18 35.82 -17.88
CA TYR A 3 51.14 34.91 -18.38
C TYR A 3 51.72 33.58 -18.81
N VAL A 4 51.31 32.51 -18.11
CA VAL A 4 51.84 31.19 -18.42
C VAL A 4 51.10 30.57 -19.59
N GLY A 5 49.79 30.36 -19.43
CA GLY A 5 48.99 29.86 -20.54
C GLY A 5 48.35 28.51 -20.29
N PHE A 6 48.25 28.10 -19.02
CA PHE A 6 47.55 26.86 -18.70
C PHE A 6 46.04 27.05 -18.58
N ASP A 7 45.54 28.29 -18.64
CA ASP A 7 44.09 28.48 -18.78
C ASP A 7 43.59 28.03 -20.14
N THR A 8 44.49 27.74 -21.08
CA THR A 8 44.15 27.18 -22.38
C THR A 8 43.70 25.72 -22.28
N ILE A 9 43.83 25.11 -21.10
CA ILE A 9 43.61 23.67 -20.99
C ILE A 9 42.17 23.30 -21.30
N THR A 10 41.22 24.20 -21.02
CA THR A 10 39.82 23.90 -21.36
C THR A 10 39.60 23.92 -22.87
N ASN A 11 40.39 24.72 -23.59
CA ASN A 11 40.35 24.66 -25.05
C ASN A 11 40.92 23.35 -25.56
N GLN A 12 42.02 22.89 -24.96
CA GLN A 12 42.61 21.61 -25.37
C GLN A 12 41.65 20.45 -25.14
N ILE A 13 40.85 20.51 -24.06
CA ILE A 13 39.91 19.43 -23.77
C ILE A 13 38.74 19.47 -24.75
N GLU A 14 38.15 20.65 -24.94
CA GLU A 14 37.01 20.77 -25.85
C GLU A 14 37.37 20.33 -27.26
N HIS A 15 38.55 20.73 -27.73
CA HIS A 15 39.00 20.31 -29.05
C HIS A 15 39.20 18.79 -29.13
N ARG A 16 39.56 18.16 -28.01
CA ARG A 16 39.74 16.71 -28.00
C ARG A 16 38.40 15.99 -28.00
N LEU A 17 37.39 16.53 -27.32
CA LEU A 17 36.08 15.89 -27.25
C LEU A 17 35.24 16.15 -28.50
N LEU A 18 35.53 17.21 -29.25
CA LEU A 18 34.74 17.52 -30.44
C LEU A 18 34.99 16.51 -31.55
N LYS A 19 36.25 16.14 -31.76
CA LYS A 19 36.55 15.08 -32.72
C LYS A 19 36.07 13.72 -32.24
N LYS A 20 35.84 13.57 -30.94
CA LYS A 20 35.42 12.27 -30.40
C LYS A 20 33.93 12.04 -30.64
N GLY A 21 33.10 13.05 -30.41
CA GLY A 21 31.67 12.87 -30.45
C GLY A 21 31.09 12.65 -29.07
N PHE A 22 29.76 12.59 -29.01
CA PHE A 22 29.05 12.46 -27.75
C PHE A 22 27.90 11.47 -27.90
N GLN A 23 27.77 10.59 -26.92
CA GLN A 23 26.73 9.57 -26.91
C GLN A 23 25.64 9.96 -25.93
N PHE A 24 24.39 9.87 -26.37
CA PHE A 24 23.23 10.04 -25.51
C PHE A 24 22.25 8.91 -25.78
N ASN A 25 21.87 8.19 -24.73
CA ASN A 25 20.96 7.06 -24.83
C ASN A 25 19.73 7.37 -23.99
N ILE A 26 18.59 7.54 -24.65
CA ILE A 26 17.36 8.01 -24.01
C ILE A 26 16.27 6.98 -24.24
N MET A 27 15.44 6.76 -23.23
CA MET A 27 14.36 5.78 -23.28
C MET A 27 13.03 6.46 -22.98
N VAL A 28 12.01 6.12 -23.76
CA VAL A 28 10.65 6.59 -23.53
C VAL A 28 9.81 5.40 -23.09
N VAL A 29 9.10 5.56 -21.98
CA VAL A 29 8.27 4.51 -21.41
C VAL A 29 6.84 5.03 -21.28
N GLY A 30 5.88 4.25 -21.73
CA GLY A 30 4.48 4.63 -21.64
C GLY A 30 3.64 3.84 -22.60
N GLN A 31 2.32 3.90 -22.37
CA GLN A 31 1.39 3.21 -23.25
C GLN A 31 1.31 3.91 -24.60
N SER A 32 0.99 3.13 -25.63
CA SER A 32 0.94 3.67 -26.99
C SER A 32 -0.10 4.78 -27.10
N GLY A 33 0.23 5.81 -27.87
CA GLY A 33 -0.67 6.92 -28.06
C GLY A 33 -0.52 8.06 -27.10
N LEU A 34 0.62 8.17 -26.41
CA LEU A 34 0.89 9.26 -25.48
C LEU A 34 1.80 10.32 -26.08
N GLY A 35 2.04 10.27 -27.38
CA GLY A 35 2.92 11.24 -28.02
C GLY A 35 4.39 11.04 -27.72
N LYS A 36 4.84 9.80 -27.51
CA LYS A 36 6.24 9.57 -27.15
C LYS A 36 7.16 9.79 -28.34
N SER A 37 6.85 9.15 -29.48
CA SER A 37 7.66 9.34 -30.66
C SER A 37 7.58 10.77 -31.17
N THR A 38 6.43 11.43 -30.98
CA THR A 38 6.30 12.82 -31.38
C THR A 38 7.15 13.73 -30.50
N LEU A 39 7.24 13.44 -29.21
CA LEU A 39 8.03 14.29 -28.32
C LEU A 39 9.52 14.16 -28.63
N ILE A 40 9.99 12.93 -28.89
CA ILE A 40 11.39 12.73 -29.25
C ILE A 40 11.71 13.47 -30.55
N ASN A 41 10.81 13.38 -31.52
CA ASN A 41 11.01 14.08 -32.79
C ASN A 41 10.86 15.58 -32.66
N THR A 42 10.21 16.07 -31.60
CA THR A 42 10.09 17.51 -31.38
C THR A 42 11.29 18.08 -30.64
N LEU A 43 11.80 17.34 -29.65
CA LEU A 43 12.98 17.80 -28.90
C LEU A 43 14.17 18.03 -29.82
N PHE A 44 14.47 17.05 -30.67
CA PHE A 44 15.65 17.08 -31.52
C PHE A 44 15.37 17.66 -32.90
N ALA A 45 14.20 18.27 -33.10
CA ALA A 45 13.87 19.03 -34.31
C ALA A 45 14.14 18.20 -35.58
N SER A 46 13.88 16.90 -35.50
CA SER A 46 14.13 15.99 -36.60
C SER A 46 13.28 14.74 -36.41
N HIS A 47 12.88 14.14 -37.52
CA HIS A 47 12.05 12.93 -37.47
C HIS A 47 12.97 11.73 -37.28
N LEU A 48 13.22 11.38 -36.01
CA LEU A 48 14.11 10.29 -35.69
C LEU A 48 13.39 8.94 -35.66
N ILE A 49 12.19 8.88 -35.07
CA ILE A 49 11.49 7.62 -34.87
C ILE A 49 10.04 7.76 -35.29
N ASP A 50 9.45 6.62 -35.65
CA ASP A 50 8.01 6.50 -35.82
C ASP A 50 7.38 5.98 -34.54
N SER A 51 6.06 6.06 -34.46
CA SER A 51 5.35 5.44 -33.36
C SER A 51 5.63 3.94 -33.36
N ALA A 52 6.00 3.42 -32.18
CA ALA A 52 6.46 2.04 -32.10
C ALA A 52 5.39 1.03 -32.54
N THR A 53 4.13 1.45 -32.60
CA THR A 53 3.06 0.56 -33.03
C THR A 53 2.26 1.19 -34.17
N GLY A 54 2.13 2.51 -34.17
CA GLY A 54 1.36 3.17 -35.20
C GLY A 54 -0.13 2.91 -35.03
N ASP A 55 -0.84 2.94 -36.15
CA ASP A 55 -2.28 2.66 -36.17
C ASP A 55 -2.60 1.19 -36.40
N ASP A 56 -1.59 0.32 -36.34
CA ASP A 56 -1.75 -1.10 -36.61
C ASP A 56 -1.60 -1.85 -35.29
N ILE A 57 -2.70 -2.42 -34.80
CA ILE A 57 -2.65 -3.18 -33.55
C ILE A 57 -1.90 -4.49 -33.74
N SER A 58 -1.82 -5.00 -34.97
CA SER A 58 -1.05 -6.22 -35.24
C SER A 58 0.44 -5.99 -35.09
N ALA A 59 0.88 -4.74 -34.95
CA ALA A 59 2.29 -4.43 -34.76
C ALA A 59 2.75 -4.64 -33.32
N LEU A 60 1.82 -4.88 -32.39
CA LEU A 60 2.20 -5.13 -31.01
C LEU A 60 3.08 -6.37 -30.92
N PRO A 61 4.01 -6.41 -29.96
CA PRO A 61 4.82 -7.62 -29.76
C PRO A 61 3.97 -8.88 -29.65
N VAL A 62 4.32 -9.89 -30.45
CA VAL A 62 3.55 -11.12 -30.49
C VAL A 62 3.67 -11.88 -29.17
N THR A 63 4.82 -11.77 -28.51
CA THR A 63 5.03 -12.47 -27.24
C THR A 63 4.13 -11.96 -26.12
N LYS A 64 3.36 -10.90 -26.37
CA LYS A 64 2.48 -10.31 -25.37
C LYS A 64 3.25 -9.81 -24.15
N THR A 65 4.40 -9.19 -24.41
CA THR A 65 5.18 -8.54 -23.35
C THR A 65 5.90 -7.35 -23.96
N THR A 66 6.51 -6.54 -23.09
CA THR A 66 7.24 -5.37 -23.55
C THR A 66 8.51 -5.77 -24.27
N GLU A 67 8.78 -5.13 -25.40
CA GLU A 67 9.99 -5.36 -26.16
C GLU A 67 10.74 -4.04 -26.34
N MET A 68 12.06 -4.14 -26.50
CA MET A 68 12.89 -2.96 -26.72
C MET A 68 13.01 -2.69 -28.21
N LYS A 69 12.75 -1.45 -28.60
CA LYS A 69 12.90 -1.00 -29.98
C LYS A 69 13.98 0.07 -30.00
N ILE A 70 15.20 -0.32 -30.36
CA ILE A 70 16.36 0.55 -30.32
C ILE A 70 16.65 1.04 -31.72
N SER A 71 16.68 2.36 -31.90
CA SER A 71 17.16 2.98 -33.11
C SER A 71 18.34 3.88 -32.78
N THR A 72 19.21 4.11 -33.76
CA THR A 72 20.42 4.89 -33.57
C THR A 72 20.44 6.05 -34.56
N HIS A 73 20.96 7.19 -34.12
CA HIS A 73 20.89 8.41 -34.91
C HIS A 73 22.11 9.28 -34.64
N THR A 74 22.28 10.29 -35.48
CA THR A 74 23.40 11.23 -35.37
C THR A 74 22.93 12.61 -35.79
N LEU A 75 23.21 13.59 -34.94
CA LEU A 75 22.86 14.98 -35.22
C LEU A 75 24.08 15.86 -35.03
N VAL A 76 24.17 16.91 -35.84
CA VAL A 76 25.28 17.85 -35.83
C VAL A 76 24.74 19.26 -35.68
N GLU A 77 25.37 20.03 -34.78
CA GLU A 77 25.10 21.45 -34.60
C GLU A 77 26.43 22.16 -34.52
N ASP A 78 26.69 23.06 -35.48
CA ASP A 78 28.01 23.65 -35.67
C ASP A 78 29.11 22.59 -35.80
N ARG A 79 29.67 22.18 -34.64
CA ARG A 79 30.81 21.28 -34.53
C ARG A 79 30.59 20.13 -33.56
N VAL A 80 29.51 20.14 -32.80
CA VAL A 80 29.24 19.07 -31.83
C VAL A 80 28.41 18.01 -32.52
N ARG A 81 28.96 16.80 -32.59
CA ARG A 81 28.24 15.65 -33.09
C ARG A 81 27.66 14.87 -31.92
N LEU A 82 26.38 14.51 -32.02
CA LEU A 82 25.68 13.81 -30.94
C LEU A 82 25.12 12.50 -31.47
N ASN A 83 25.68 11.38 -31.02
CA ASN A 83 25.16 10.07 -31.36
C ASN A 83 24.06 9.70 -30.38
N ILE A 84 22.83 9.57 -30.89
CA ILE A 84 21.64 9.40 -30.06
C ILE A 84 21.12 7.98 -30.24
N ASN A 85 20.94 7.28 -29.12
CA ASN A 85 20.20 6.02 -29.09
C ASN A 85 18.83 6.28 -28.48
N VAL A 86 17.77 5.97 -29.22
CA VAL A 86 16.41 6.11 -28.74
C VAL A 86 15.85 4.72 -28.49
N ILE A 87 15.30 4.51 -27.30
CA ILE A 87 14.77 3.22 -26.88
C ILE A 87 13.29 3.40 -26.60
N ASP A 88 12.44 2.85 -27.46
CA ASP A 88 11.01 2.79 -27.21
C ASP A 88 10.65 1.44 -26.61
N THR A 89 9.47 1.38 -26.00
CA THR A 89 9.02 0.18 -25.29
C THR A 89 7.64 -0.21 -25.80
N PRO A 90 7.54 -0.71 -27.03
CA PRO A 90 6.24 -1.17 -27.53
C PRO A 90 5.73 -2.36 -26.72
N GLY A 91 4.47 -2.27 -26.30
CA GLY A 91 3.84 -3.31 -25.52
C GLY A 91 3.71 -3.00 -24.04
N PHE A 92 4.24 -1.88 -23.57
CA PHE A 92 4.13 -1.51 -22.16
C PHE A 92 2.71 -1.02 -21.88
N GLY A 93 1.97 -1.76 -21.06
CA GLY A 93 0.64 -1.37 -20.68
C GLY A 93 -0.41 -1.53 -21.77
N ASP A 94 -0.08 -2.17 -22.89
CA ASP A 94 -1.00 -2.30 -24.01
C ASP A 94 -1.66 -3.66 -24.07
N PHE A 95 -1.35 -4.58 -23.16
CA PHE A 95 -1.89 -5.92 -23.18
C PHE A 95 -2.89 -6.10 -22.05
N ILE A 96 -3.67 -7.18 -22.14
CA ILE A 96 -4.64 -7.50 -21.11
C ILE A 96 -3.95 -7.82 -19.79
N ASP A 97 -2.86 -8.59 -19.84
CA ASP A 97 -2.04 -8.87 -18.68
C ASP A 97 -0.75 -8.06 -18.80
N ASN A 98 -0.55 -7.13 -17.87
CA ASN A 98 0.65 -6.29 -17.84
C ASN A 98 1.46 -6.49 -16.56
N SER A 99 1.33 -7.65 -15.93
CA SER A 99 2.01 -7.90 -14.66
C SER A 99 3.52 -7.97 -14.81
N LYS A 100 4.02 -8.16 -16.02
CA LYS A 100 5.46 -8.18 -16.29
C LYS A 100 5.85 -7.10 -17.29
N ALA A 101 5.13 -5.96 -17.26
CA ALA A 101 5.34 -4.93 -18.28
C ALA A 101 6.71 -4.27 -18.15
N TRP A 102 7.27 -4.23 -16.94
CA TRP A 102 8.53 -3.55 -16.69
C TRP A 102 9.74 -4.47 -16.71
N GLU A 103 9.53 -5.79 -16.66
CA GLU A 103 10.66 -6.70 -16.53
C GLU A 103 11.61 -6.67 -17.73
N PRO A 104 11.15 -6.63 -18.99
CA PRO A 104 12.11 -6.47 -20.09
C PRO A 104 12.83 -5.13 -20.06
N ILE A 105 12.21 -4.09 -19.48
CA ILE A 105 12.88 -2.80 -19.36
C ILE A 105 14.01 -2.88 -18.34
N VAL A 106 13.72 -3.43 -17.16
CA VAL A 106 14.76 -3.57 -16.13
C VAL A 106 15.89 -4.46 -16.62
N LYS A 107 15.56 -5.48 -17.42
CA LYS A 107 16.59 -6.35 -17.98
C LYS A 107 17.50 -5.59 -18.93
N TYR A 108 16.92 -4.77 -19.81
CA TYR A 108 17.72 -4.03 -20.77
C TYR A 108 18.67 -3.07 -20.07
N ILE A 109 18.17 -2.36 -19.05
CA ILE A 109 19.00 -1.40 -18.33
C ILE A 109 20.19 -2.10 -17.67
N LYS A 110 19.93 -3.21 -16.98
CA LYS A 110 21.02 -3.95 -16.33
C LYS A 110 21.96 -4.58 -17.35
N GLU A 111 21.44 -4.97 -18.52
CA GLU A 111 22.28 -5.60 -19.53
C GLU A 111 23.33 -4.64 -20.07
N GLN A 112 22.99 -3.35 -20.18
CA GLN A 112 23.97 -2.38 -20.68
C GLN A 112 25.09 -2.17 -19.68
N HIS A 113 24.75 -2.05 -18.39
CA HIS A 113 25.79 -1.97 -17.37
C HIS A 113 26.66 -3.22 -17.38
N SER A 114 26.02 -4.40 -17.48
CA SER A 114 26.77 -5.65 -17.53
C SER A 114 27.72 -5.67 -18.71
N GLN A 115 27.27 -5.17 -19.87
CA GLN A 115 28.13 -5.15 -21.04
C GLN A 115 29.31 -4.20 -20.85
N TYR A 116 29.07 -3.04 -20.23
CA TYR A 116 30.14 -2.07 -20.03
C TYR A 116 31.16 -2.59 -19.02
N LEU A 117 30.69 -3.14 -17.90
CA LEU A 117 31.60 -3.66 -16.88
C LEU A 117 32.43 -4.82 -17.40
N ARG A 118 31.85 -5.62 -18.30
CA ARG A 118 32.60 -6.73 -18.89
C ARG A 118 33.83 -6.24 -19.65
N LYS A 119 33.80 -5.00 -20.14
CA LYS A 119 34.94 -4.42 -20.84
C LYS A 119 35.91 -3.73 -19.89
N GLU A 120 35.39 -3.10 -18.83
CA GLU A 120 36.26 -2.44 -17.86
C GLU A 120 37.13 -3.42 -17.10
N LEU A 121 36.77 -4.71 -17.09
CA LEU A 121 37.53 -5.71 -16.35
C LEU A 121 38.56 -6.44 -17.21
N THR A 122 38.47 -6.35 -18.53
CA THR A 122 39.43 -7.02 -19.38
C THR A 122 40.84 -6.51 -19.11
N ALA A 123 41.82 -7.38 -19.30
CA ALA A 123 43.21 -6.99 -19.08
C ALA A 123 43.66 -5.98 -20.13
N GLN A 124 43.20 -6.13 -21.37
CA GLN A 124 43.54 -5.22 -22.45
C GLN A 124 42.29 -4.42 -22.83
N ARG A 125 41.98 -3.43 -21.99
CA ARG A 125 40.83 -2.58 -22.23
C ARG A 125 41.04 -1.72 -23.47
N GLU A 126 39.94 -1.46 -24.18
CA GLU A 126 39.96 -0.49 -25.25
C GLU A 126 39.92 0.92 -24.68
N ARG A 127 40.52 1.86 -25.41
CA ARG A 127 40.59 3.24 -24.92
C ARG A 127 39.21 3.87 -24.89
N PHE A 128 38.37 3.58 -25.88
CA PHE A 128 37.03 4.14 -26.00
C PHE A 128 36.02 2.99 -25.97
N ILE A 129 35.50 2.70 -24.78
CA ILE A 129 34.44 1.72 -24.65
C ILE A 129 33.14 2.30 -25.19
N THR A 130 32.45 1.54 -26.03
CA THR A 130 31.14 1.96 -26.51
C THR A 130 30.15 2.00 -25.35
N ASP A 131 29.58 3.17 -25.09
CA ASP A 131 28.69 3.39 -23.96
C ASP A 131 27.25 3.29 -24.44
N THR A 132 26.63 2.13 -24.22
CA THR A 132 25.22 1.91 -24.54
C THR A 132 24.34 1.91 -23.28
N ARG A 133 24.81 2.54 -22.20
CA ARG A 133 24.02 2.60 -20.97
C ARG A 133 22.90 3.62 -21.11
N VAL A 134 21.74 3.29 -20.55
CA VAL A 134 20.58 4.17 -20.66
C VAL A 134 20.79 5.38 -19.76
N HIS A 135 20.86 6.57 -20.37
CA HIS A 135 21.19 7.79 -19.64
C HIS A 135 19.97 8.51 -19.10
N ALA A 136 18.83 8.39 -19.76
CA ALA A 136 17.63 9.10 -19.33
C ALA A 136 16.39 8.31 -19.71
N ILE A 137 15.37 8.41 -18.87
CA ILE A 137 14.09 7.76 -19.10
C ILE A 137 13.00 8.81 -19.02
N LEU A 138 12.30 9.04 -20.13
CA LEU A 138 11.12 9.90 -20.15
C LEU A 138 9.90 9.02 -19.86
N TYR A 139 9.38 9.10 -18.64
CA TYR A 139 8.21 8.32 -18.24
C TYR A 139 6.95 9.12 -18.52
N PHE A 140 6.09 8.60 -19.39
CA PHE A 140 4.90 9.32 -19.83
C PHE A 140 3.70 8.91 -18.97
N LEU A 141 3.12 9.88 -18.29
CA LEU A 141 1.91 9.66 -17.50
C LEU A 141 0.71 10.19 -18.28
N GLN A 142 -0.41 9.47 -18.17
CA GLN A 142 -1.63 9.91 -18.84
C GLN A 142 -2.18 11.14 -18.13
N PRO A 143 -2.76 12.09 -18.87
CA PRO A 143 -3.32 13.30 -18.24
C PRO A 143 -4.78 13.09 -17.82
N ASN A 144 -4.98 12.27 -16.80
CA ASN A 144 -6.32 11.90 -16.35
C ASN A 144 -6.64 12.36 -14.93
N GLY A 145 -5.77 13.14 -14.30
CA GLY A 145 -6.03 13.62 -12.96
C GLY A 145 -6.09 12.56 -11.88
N LYS A 146 -5.72 11.31 -12.18
CA LYS A 146 -5.83 10.22 -11.22
C LYS A 146 -4.50 9.94 -10.55
N GLU A 147 -4.57 9.33 -9.37
CA GLU A 147 -3.35 8.91 -8.67
C GLU A 147 -2.67 7.78 -9.46
N LEU A 148 -1.40 7.55 -9.12
CA LEU A 148 -0.61 6.57 -9.85
C LEU A 148 -1.25 5.19 -9.80
N SER A 149 -1.46 4.61 -10.98
CA SER A 149 -2.00 3.26 -11.07
C SER A 149 -0.99 2.25 -10.55
N ARG A 150 -1.47 1.03 -10.32
CA ARG A 150 -0.60 -0.05 -9.86
C ARG A 150 0.54 -0.27 -10.84
N LEU A 151 0.25 -0.20 -12.14
CA LEU A 151 1.29 -0.37 -13.15
C LEU A 151 2.36 0.71 -13.04
N ASP A 152 1.92 1.97 -12.87
CA ASP A 152 2.88 3.06 -12.75
C ASP A 152 3.72 2.93 -11.50
N VAL A 153 3.10 2.53 -10.38
CA VAL A 153 3.82 2.37 -9.13
C VAL A 153 4.88 1.28 -9.27
N GLU A 154 4.50 0.13 -9.84
CA GLU A 154 5.45 -0.97 -9.99
C GLU A 154 6.58 -0.61 -10.95
N ALA A 155 6.23 0.00 -12.09
CA ALA A 155 7.25 0.37 -13.06
C ALA A 155 8.19 1.42 -12.49
N LEU A 156 7.64 2.48 -11.90
CA LEU A 156 8.48 3.58 -11.42
C LEU A 156 9.32 3.15 -10.22
N LYS A 157 8.77 2.33 -9.34
CA LYS A 157 9.52 1.92 -8.15
C LYS A 157 10.78 1.14 -8.50
N ARG A 158 10.87 0.62 -9.72
CA ARG A 158 12.07 -0.07 -10.19
C ARG A 158 12.91 0.81 -11.10
N LEU A 159 12.29 1.54 -12.03
CA LEU A 159 13.04 2.33 -12.99
C LEU A 159 13.73 3.52 -12.30
N THR A 160 13.09 4.11 -11.30
CA THR A 160 13.70 5.23 -10.59
C THR A 160 14.90 4.82 -9.76
N GLU A 161 15.14 3.51 -9.61
CA GLU A 161 16.28 3.03 -8.83
C GLU A 161 17.47 2.61 -9.70
N ILE A 162 17.31 2.60 -11.02
CA ILE A 162 18.36 2.12 -11.92
C ILE A 162 18.69 3.10 -13.03
N ALA A 163 17.94 4.21 -13.14
CA ALA A 163 18.19 5.16 -14.21
C ALA A 163 17.61 6.51 -13.82
N ASN A 164 18.02 7.54 -14.56
CA ASN A 164 17.50 8.88 -14.37
C ASN A 164 16.11 8.97 -15.01
N VAL A 165 15.07 8.97 -14.18
CA VAL A 165 13.70 8.95 -14.66
C VAL A 165 13.17 10.38 -14.64
N ILE A 166 12.68 10.84 -15.79
CA ILE A 166 12.09 12.18 -15.90
C ILE A 166 10.61 12.04 -16.21
N PRO A 167 9.74 12.22 -15.22
CA PRO A 167 8.29 12.11 -15.47
C PRO A 167 7.81 13.21 -16.42
N VAL A 168 6.82 12.86 -17.23
CA VAL A 168 6.30 13.75 -18.25
C VAL A 168 4.81 13.46 -18.44
N ILE A 169 3.99 14.51 -18.39
CA ILE A 169 2.56 14.39 -18.65
C ILE A 169 2.37 14.37 -20.16
N GLY A 170 2.13 13.20 -20.73
CA GLY A 170 1.91 13.10 -22.16
C GLY A 170 0.56 13.68 -22.56
N LYS A 171 0.54 14.36 -23.70
CA LYS A 171 -0.66 15.01 -24.22
C LYS A 171 -1.31 15.91 -23.17
N SER A 172 -0.47 16.76 -22.56
CA SER A 172 -0.91 17.58 -21.44
C SER A 172 -1.91 18.66 -21.82
N ASP A 173 -2.12 18.92 -23.12
CA ASP A 173 -3.18 19.84 -23.52
C ASP A 173 -4.57 19.30 -23.21
N THR A 174 -4.68 18.04 -22.78
CA THR A 174 -5.93 17.54 -22.23
C THR A 174 -6.39 18.38 -21.04
N LEU A 175 -5.45 18.90 -20.26
CA LEU A 175 -5.75 19.59 -19.01
C LEU A 175 -5.88 21.08 -19.22
N THR A 176 -6.87 21.68 -18.54
CA THR A 176 -6.85 23.11 -18.35
C THR A 176 -5.71 23.47 -17.40
N LEU A 177 -5.42 24.77 -17.31
CA LEU A 177 -4.34 25.21 -16.43
C LEU A 177 -4.63 24.85 -14.97
N ASP A 178 -5.90 24.87 -14.57
CA ASP A 178 -6.23 24.49 -13.20
C ASP A 178 -6.15 22.98 -13.02
N GLU A 179 -6.64 22.21 -13.98
CA GLU A 179 -6.44 20.76 -13.95
C GLU A 179 -4.96 20.41 -14.00
N ARG A 180 -4.16 21.25 -14.66
CA ARG A 180 -2.72 21.02 -14.69
C ARG A 180 -2.09 21.24 -13.31
N THR A 181 -2.53 22.29 -12.62
CA THR A 181 -2.00 22.56 -11.28
C THR A 181 -2.39 21.44 -10.31
N GLU A 182 -3.65 21.01 -10.36
CA GLU A 182 -4.11 19.99 -9.43
C GLU A 182 -3.48 18.64 -9.71
N PHE A 183 -3.29 18.30 -11.00
CA PHE A 183 -2.71 17.01 -11.34
C PHE A 183 -1.23 16.96 -11.00
N ARG A 184 -0.49 18.00 -11.37
CA ARG A 184 0.94 18.06 -11.04
C ARG A 184 1.16 18.05 -9.54
N GLU A 185 0.30 18.72 -8.77
CA GLU A 185 0.43 18.71 -7.32
C GLU A 185 0.05 17.35 -6.74
N LEU A 186 -0.82 16.62 -7.42
CA LEU A 186 -1.20 15.29 -6.94
C LEU A 186 -0.08 14.28 -7.19
N ILE A 187 0.53 14.33 -8.37
CA ILE A 187 1.59 13.38 -8.71
C ILE A 187 2.82 13.62 -7.85
N GLN A 188 3.12 14.89 -7.55
CA GLN A 188 4.24 15.18 -6.65
C GLN A 188 4.00 14.61 -5.26
N ASN A 189 2.76 14.68 -4.77
CA ASN A 189 2.43 14.05 -3.49
C ASN A 189 2.52 12.54 -3.59
N GLU A 190 2.18 11.97 -4.76
CA GLU A 190 2.39 10.54 -4.99
C GLU A 190 3.86 10.20 -4.92
N PHE A 191 4.72 11.05 -5.50
CA PHE A 191 6.16 10.81 -5.43
C PHE A 191 6.65 10.83 -3.99
N GLU A 192 6.13 11.75 -3.17
CA GLU A 192 6.51 11.77 -1.76
C GLU A 192 5.95 10.57 -1.01
N LYS A 193 4.72 10.16 -1.34
CA LYS A 193 4.11 9.01 -0.66
C LYS A 193 4.92 7.75 -0.90
N TYR A 194 5.34 7.51 -2.13
CA TYR A 194 6.13 6.33 -2.46
C TYR A 194 7.63 6.58 -2.40
N ASN A 195 8.06 7.82 -2.17
CA ASN A 195 9.45 8.16 -1.90
C ASN A 195 10.36 7.73 -3.06
N PHE A 196 10.00 8.16 -4.26
CA PHE A 196 10.79 7.85 -5.45
C PHE A 196 11.95 8.82 -5.60
N LYS A 197 13.03 8.33 -6.21
CA LYS A 197 14.17 9.17 -6.56
C LYS A 197 13.92 9.71 -7.96
N ILE A 198 13.48 10.96 -8.05
CA ILE A 198 13.12 11.60 -9.31
C ILE A 198 14.23 12.54 -9.72
N TYR A 199 14.67 12.43 -10.97
CA TYR A 199 15.68 13.34 -11.49
C TYR A 199 15.11 14.76 -11.58
N PRO A 200 15.91 15.79 -11.28
CA PRO A 200 17.33 15.78 -10.94
C PRO A 200 17.62 15.49 -9.46
N TYR A 201 18.83 15.02 -9.18
CA TYR A 201 19.28 14.81 -7.82
C TYR A 201 20.10 16.00 -7.36
N ASP A 202 20.17 16.17 -6.05
CA ASP A 202 20.97 17.22 -5.44
C ASP A 202 22.29 16.61 -4.95
N SER A 203 23.39 17.10 -5.50
CA SER A 203 24.72 16.63 -5.12
C SER A 203 25.44 17.69 -4.30
N GLU A 204 26.34 17.23 -3.42
CA GLU A 204 27.12 18.16 -2.62
C GLU A 204 28.05 19.01 -3.47
N GLU A 205 28.42 18.54 -4.66
CA GLU A 205 29.23 19.33 -5.58
C GLU A 205 28.47 20.49 -6.19
N LEU A 206 27.15 20.53 -6.05
CA LEU A 206 26.36 21.60 -6.64
C LEU A 206 26.48 22.88 -5.82
N THR A 207 26.44 24.01 -6.51
CA THR A 207 26.49 25.30 -5.85
C THR A 207 25.09 25.70 -5.40
N ASP A 208 25.04 26.81 -4.64
CA ASP A 208 23.75 27.31 -4.17
C ASP A 208 22.87 27.75 -5.34
N GLU A 209 23.48 28.18 -6.44
CA GLU A 209 22.69 28.52 -7.62
C GLU A 209 22.30 27.28 -8.41
N GLU A 210 23.11 26.22 -8.34
CA GLU A 210 22.76 24.98 -9.02
C GLU A 210 21.60 24.27 -8.32
N LEU A 211 21.64 24.22 -6.99
CA LEU A 211 20.53 23.67 -6.22
C LEU A 211 19.26 24.48 -6.40
N GLU A 212 19.38 25.80 -6.59
CA GLU A 212 18.21 26.64 -6.83
C GLU A 212 17.61 26.36 -8.21
N LEU A 213 18.46 26.17 -9.21
CA LEU A 213 17.99 25.74 -10.53
C LEU A 213 17.29 24.39 -10.44
N ASN A 214 17.86 23.48 -9.65
CA ASN A 214 17.22 22.18 -9.43
C ASN A 214 15.86 22.36 -8.76
N ARG A 215 15.75 23.33 -7.85
CA ARG A 215 14.49 23.54 -7.14
C ARG A 215 13.41 24.02 -8.10
N SER A 216 13.73 25.02 -8.94
CA SER A 216 12.74 25.60 -9.84
C SER A 216 12.28 24.61 -10.89
N VAL A 217 13.21 23.86 -11.49
CA VAL A 217 12.83 22.85 -12.46
C VAL A 217 12.03 21.73 -11.80
N ARG A 218 12.43 21.35 -10.58
CA ARG A 218 11.73 20.29 -9.85
C ARG A 218 10.28 20.67 -9.57
N SER A 219 9.98 21.96 -9.47
CA SER A 219 8.64 22.40 -9.12
C SER A 219 7.64 22.19 -10.24
N ILE A 220 8.10 22.01 -11.48
CA ILE A 220 7.22 21.80 -12.62
C ILE A 220 7.36 20.39 -13.20
N ILE A 221 7.91 19.47 -12.43
CA ILE A 221 8.03 18.07 -12.84
C ILE A 221 6.88 17.30 -12.20
N PRO A 222 6.12 16.49 -12.96
CA PRO A 222 6.29 16.14 -14.39
C PRO A 222 5.99 17.28 -15.36
N PHE A 223 6.80 17.41 -16.40
CA PHE A 223 6.60 18.45 -17.41
C PHE A 223 5.26 18.24 -18.11
N ALA A 224 4.58 19.35 -18.39
CA ALA A 224 3.35 19.33 -19.17
C ALA A 224 3.73 19.62 -20.62
N VAL A 225 3.99 18.55 -21.37
CA VAL A 225 4.56 18.67 -22.71
C VAL A 225 3.46 18.59 -23.75
N VAL A 226 3.67 19.28 -24.86
CA VAL A 226 2.88 19.15 -26.07
C VAL A 226 3.85 19.10 -27.24
N GLY A 227 3.77 18.05 -28.05
CA GLY A 227 4.72 17.81 -29.12
C GLY A 227 4.10 17.95 -30.49
N SER A 228 4.93 18.33 -31.46
CA SER A 228 4.50 18.43 -32.85
C SER A 228 5.70 18.60 -33.78
N GLU A 229 5.77 17.81 -34.83
CA GLU A 229 6.80 17.99 -35.85
C GLU A 229 6.36 18.92 -36.97
N ASN A 230 5.08 19.26 -37.03
CA ASN A 230 4.52 20.01 -38.14
C ASN A 230 4.38 21.48 -37.78
N GLU A 231 4.73 22.35 -38.72
CA GLU A 231 4.58 23.79 -38.54
C GLU A 231 3.18 24.23 -38.96
N ILE A 232 2.59 25.14 -38.18
CA ILE A 232 1.28 25.70 -38.48
C ILE A 232 1.43 27.20 -38.63
N GLU A 233 0.43 27.80 -39.29
CA GLU A 233 0.40 29.25 -39.50
C GLU A 233 -0.79 29.84 -38.76
N ILE A 234 -0.55 30.93 -38.03
CA ILE A 234 -1.59 31.66 -37.33
C ILE A 234 -1.33 33.15 -37.56
N ASN A 235 -2.21 33.80 -38.32
CA ASN A 235 -2.08 35.22 -38.66
C ASN A 235 -0.71 35.51 -39.29
N GLY A 236 -0.32 34.64 -40.23
CA GLY A 236 0.92 34.85 -40.95
C GLY A 236 2.14 34.27 -40.26
N GLU A 237 2.16 34.31 -38.93
CA GLU A 237 3.30 33.78 -38.18
C GLU A 237 3.32 32.25 -38.27
N THR A 238 4.47 31.71 -38.67
CA THR A 238 4.64 30.28 -38.88
C THR A 238 5.47 29.70 -37.73
N PHE A 239 4.93 28.66 -37.10
CA PHE A 239 5.59 28.00 -35.99
C PHE A 239 5.07 26.57 -35.94
N ARG A 240 5.82 25.69 -35.25
CA ARG A 240 5.42 24.30 -35.17
C ARG A 240 4.49 24.08 -33.98
N GLY A 241 3.40 23.37 -34.23
CA GLY A 241 2.40 23.11 -33.19
C GLY A 241 1.23 22.33 -33.77
N ARG A 242 0.06 22.55 -33.17
CA ARG A 242 -1.16 21.85 -33.54
C ARG A 242 -2.29 22.85 -33.73
N LYS A 243 -3.08 22.65 -34.79
CA LYS A 243 -4.23 23.50 -35.08
C LYS A 243 -5.45 22.63 -35.33
N THR A 244 -6.55 22.95 -34.65
CA THR A 244 -7.78 22.19 -34.81
C THR A 244 -8.96 23.11 -35.13
N ARG A 245 -10.16 22.55 -35.10
CA ARG A 245 -11.39 23.30 -35.34
C ARG A 245 -11.67 24.33 -34.26
N TRP A 246 -10.97 24.27 -33.12
CA TRP A 246 -11.23 25.15 -32.00
C TRP A 246 -9.98 25.67 -31.31
N SER A 247 -8.79 25.18 -31.68
CA SER A 247 -7.59 25.47 -30.91
C SER A 247 -6.38 25.61 -31.83
N ALA A 248 -5.36 26.28 -31.31
CA ALA A 248 -4.07 26.41 -31.99
C ALA A 248 -3.01 26.49 -30.90
N ILE A 249 -2.21 25.42 -30.77
CA ILE A 249 -1.21 25.32 -29.72
C ILE A 249 0.15 25.68 -30.31
N ASN A 250 0.85 26.62 -29.67
CA ASN A 250 2.23 26.91 -30.00
C ASN A 250 3.12 26.09 -29.07
N VAL A 251 3.86 25.15 -29.63
CA VAL A 251 4.67 24.24 -28.83
C VAL A 251 5.78 24.99 -28.10
N GLU A 252 6.34 26.02 -28.72
CA GLU A 252 7.46 26.75 -28.13
C GLU A 252 7.01 27.95 -27.31
N ASP A 253 5.76 27.98 -26.86
CA ASP A 253 5.24 29.06 -26.02
C ASP A 253 5.22 28.57 -24.58
N ILE A 254 6.08 29.17 -23.73
CA ILE A 254 6.15 28.77 -22.33
C ILE A 254 4.88 29.10 -21.58
N ASN A 255 4.05 29.99 -22.12
CA ASN A 255 2.76 30.31 -21.52
C ASN A 255 1.68 29.28 -21.88
N GLN A 256 2.00 28.24 -22.62
CA GLN A 256 1.03 27.21 -22.99
C GLN A 256 1.40 25.81 -22.52
N CYS A 257 2.68 25.43 -22.64
CA CYS A 257 3.13 24.13 -22.17
C CYS A 257 4.58 24.24 -21.75
N ASP A 258 5.13 23.13 -21.24
CA ASP A 258 6.47 23.10 -20.67
C ASP A 258 7.48 22.46 -21.60
N PHE A 259 7.24 22.45 -22.91
CA PHE A 259 8.19 21.85 -23.84
C PHE A 259 9.53 22.57 -23.81
N VAL A 260 9.50 23.90 -23.90
CA VAL A 260 10.73 24.68 -23.90
C VAL A 260 11.51 24.45 -22.62
N TYR A 261 10.81 24.39 -21.48
CA TYR A 261 11.49 24.11 -20.22
C TYR A 261 12.10 22.71 -20.23
N LEU A 262 11.41 21.74 -20.81
CA LEU A 262 11.95 20.38 -20.89
C LEU A 262 13.18 20.34 -21.78
N ARG A 263 13.19 21.11 -22.86
CA ARG A 263 14.32 21.08 -23.79
C ARG A 263 15.55 21.74 -23.18
N GLU A 264 15.37 22.90 -22.54
CA GLU A 264 16.47 23.52 -21.82
C GLU A 264 17.01 22.60 -20.74
N PHE A 265 16.12 21.87 -20.06
CA PHE A 265 16.53 21.00 -18.97
C PHE A 265 17.24 19.76 -19.50
N LEU A 266 16.57 19.00 -20.36
CA LEU A 266 17.08 17.71 -20.80
C LEU A 266 18.36 17.84 -21.63
N ILE A 267 18.54 18.97 -22.33
CA ILE A 267 19.54 19.08 -23.37
C ILE A 267 20.54 20.20 -23.10
N ARG A 268 20.08 21.33 -22.58
CA ARG A 268 20.94 22.51 -22.50
C ARG A 268 21.58 22.74 -21.14
N THR A 269 21.05 22.16 -20.06
CA THR A 269 21.62 22.36 -18.74
C THR A 269 22.01 21.08 -18.03
N HIS A 270 21.24 20.00 -18.19
CA HIS A 270 21.49 18.75 -17.48
C HIS A 270 21.85 17.60 -18.41
N LEU A 271 22.23 17.89 -19.66
CA LEU A 271 22.58 16.82 -20.59
C LEU A 271 23.84 16.09 -20.15
N GLN A 272 24.90 16.83 -19.85
CA GLN A 272 26.13 16.19 -19.37
C GLN A 272 25.94 15.64 -17.96
N ASP A 273 25.13 16.29 -17.14
CA ASP A 273 24.84 15.77 -15.82
C ASP A 273 24.12 14.42 -15.90
N LEU A 274 23.20 14.29 -16.86
CA LEU A 274 22.50 13.02 -17.05
C LEU A 274 23.46 11.90 -17.44
N ILE A 275 24.40 12.19 -18.34
CA ILE A 275 25.32 11.16 -18.81
C ILE A 275 26.26 10.74 -17.69
N GLU A 276 26.81 11.70 -16.95
CA GLU A 276 27.77 11.38 -15.90
C GLU A 276 27.11 10.71 -14.70
N THR A 277 25.89 11.12 -14.36
CA THR A 277 25.21 10.50 -13.23
C THR A 277 24.89 9.03 -13.52
N THR A 278 24.64 8.69 -14.78
CA THR A 278 24.52 7.29 -15.16
C THR A 278 25.79 6.52 -14.82
N SER A 279 26.94 7.19 -14.93
CA SER A 279 28.21 6.54 -14.60
C SER A 279 28.42 6.42 -13.10
N TYR A 280 28.59 7.54 -12.40
CA TYR A 280 29.05 7.47 -11.01
C TYR A 280 27.94 7.09 -10.03
N ILE A 281 26.68 7.13 -10.44
CA ILE A 281 25.60 6.68 -9.56
C ILE A 281 25.16 5.29 -9.98
N HIS A 282 24.55 5.19 -11.17
CA HIS A 282 23.86 3.96 -11.55
C HIS A 282 24.84 2.87 -11.94
N TYR A 283 25.81 3.18 -12.81
CA TYR A 283 26.77 2.17 -13.21
C TYR A 283 27.65 1.74 -12.04
N GLU A 284 28.10 2.69 -11.22
CA GLU A 284 28.94 2.34 -10.07
C GLU A 284 28.16 1.52 -9.06
N GLY A 285 26.88 1.86 -8.85
CA GLY A 285 26.06 1.06 -7.96
C GLY A 285 25.90 -0.37 -8.44
N PHE A 286 25.65 -0.53 -9.75
CA PHE A 286 25.60 -1.86 -10.34
C PHE A 286 26.93 -2.58 -10.18
N ARG A 287 28.03 -1.92 -10.56
CA ARG A 287 29.34 -2.56 -10.48
C ARG A 287 29.68 -2.98 -9.06
N ALA A 288 29.34 -2.13 -8.08
CA ALA A 288 29.64 -2.46 -6.69
C ALA A 288 28.92 -3.73 -6.25
N ARG A 289 27.67 -3.90 -6.68
CA ARG A 289 26.91 -5.08 -6.28
C ARG A 289 27.44 -6.34 -6.96
N GLN A 290 27.90 -6.22 -8.21
CA GLN A 290 28.47 -7.38 -8.90
C GLN A 290 29.76 -7.83 -8.22
N LEU A 291 30.58 -6.88 -7.78
CA LEU A 291 31.89 -7.22 -7.23
C LEU A 291 31.75 -7.89 -5.87
N ILE A 292 30.85 -7.39 -5.02
CA ILE A 292 30.71 -7.96 -3.69
C ILE A 292 30.20 -9.39 -3.75
N ALA A 293 29.53 -9.76 -4.84
CA ALA A 293 29.02 -11.12 -4.99
C ALA A 293 29.89 -11.93 -5.93
N PRO B 14 -41.61 6.25 -16.65
CA PRO B 14 -40.59 6.98 -17.42
C PRO B 14 -39.18 6.61 -16.92
N SER B 15 -38.78 5.35 -17.10
CA SER B 15 -37.47 4.88 -16.61
C SER B 15 -36.45 4.78 -17.75
N PHE B 16 -35.18 4.91 -17.43
CA PHE B 16 -34.11 4.76 -18.42
C PHE B 16 -32.84 4.38 -17.67
N ASN B 17 -32.14 3.37 -18.18
CA ASN B 17 -30.97 2.82 -17.51
C ASN B 17 -29.78 2.87 -18.45
N LEU B 18 -28.71 3.52 -18.01
CA LEU B 18 -27.54 3.81 -18.85
C LEU B 18 -26.28 3.26 -18.19
N LEU B 19 -25.45 2.57 -18.98
CA LEU B 19 -24.22 1.95 -18.50
C LEU B 19 -23.02 2.72 -19.03
N CYS B 20 -22.07 3.01 -18.15
CA CYS B 20 -20.85 3.75 -18.49
C CYS B 20 -19.65 2.88 -18.15
N VAL B 21 -18.98 2.37 -19.18
CA VAL B 21 -17.80 1.53 -19.02
C VAL B 21 -16.62 2.29 -19.58
N GLY B 22 -15.65 2.60 -18.71
CA GLY B 22 -14.44 3.26 -19.11
C GLY B 22 -13.48 3.34 -17.95
N PRO B 23 -12.18 3.52 -18.24
CA PRO B 23 -11.20 3.67 -17.15
C PRO B 23 -11.48 4.92 -16.34
N ASP B 24 -11.00 4.89 -15.10
CA ASP B 24 -11.22 6.02 -14.20
C ASP B 24 -10.49 7.26 -14.69
N GLY B 25 -11.17 8.40 -14.61
CA GLY B 25 -10.63 9.65 -15.10
C GLY B 25 -10.83 9.89 -16.57
N ILE B 26 -11.55 9.03 -17.27
CA ILE B 26 -11.75 9.19 -18.70
C ILE B 26 -12.78 10.25 -19.03
N GLY B 27 -13.61 10.64 -18.07
CA GLY B 27 -14.65 11.61 -18.28
C GLY B 27 -16.07 11.08 -18.27
N LYS B 28 -16.32 9.94 -17.60
CA LYS B 28 -17.66 9.36 -17.61
C LYS B 28 -18.64 10.26 -16.85
N THR B 29 -18.27 10.67 -15.63
CA THR B 29 -19.17 11.48 -14.82
C THR B 29 -19.48 12.81 -15.48
N THR B 30 -18.45 13.47 -16.05
CA THR B 30 -18.65 14.77 -16.65
C THR B 30 -19.59 14.71 -17.85
N LEU B 31 -19.54 13.61 -18.62
CA LEU B 31 -20.43 13.48 -19.77
C LEU B 31 -21.87 13.21 -19.33
N MET B 32 -22.06 12.51 -18.21
CA MET B 32 -23.42 12.26 -17.72
C MET B 32 -24.06 13.55 -17.25
N LYS B 33 -23.31 14.37 -16.50
CA LYS B 33 -23.81 15.68 -16.12
C LYS B 33 -24.06 16.56 -17.34
N THR B 34 -23.24 16.40 -18.39
CA THR B 34 -23.37 17.24 -19.57
C THR B 34 -24.58 16.84 -20.40
N LEU B 35 -24.80 15.54 -20.57
CA LEU B 35 -25.90 15.07 -21.41
C LEU B 35 -27.26 15.47 -20.83
N PHE B 36 -27.48 15.19 -19.55
CA PHE B 36 -28.75 15.45 -18.90
C PHE B 36 -28.84 16.82 -18.25
N ASN B 37 -27.75 17.60 -18.31
CA ASN B 37 -27.74 18.97 -17.80
C ASN B 37 -28.18 19.04 -16.34
N ASN B 38 -27.55 18.20 -15.52
CA ASN B 38 -27.90 18.10 -14.11
C ASN B 38 -26.71 17.52 -13.36
N ASP B 39 -26.24 18.23 -12.35
CA ASP B 39 -25.06 17.79 -11.60
C ASP B 39 -25.37 16.67 -10.60
N ASP B 40 -26.65 16.45 -10.28
CA ASP B 40 -27.03 15.46 -9.30
C ASP B 40 -27.13 14.05 -9.87
N ILE B 41 -26.38 13.75 -10.93
CA ILE B 41 -26.37 12.40 -11.48
C ILE B 41 -25.77 11.42 -10.47
N GLU B 42 -24.82 11.89 -9.67
CA GLU B 42 -24.11 11.05 -8.72
C GLU B 42 -24.42 11.42 -7.27
N ALA B 43 -25.60 11.98 -7.02
CA ALA B 43 -25.97 12.35 -5.66
C ALA B 43 -26.50 11.18 -4.86
N ASN B 44 -26.86 10.07 -5.51
CA ASN B 44 -27.61 8.98 -4.88
C ASN B 44 -27.00 7.64 -5.30
N LEU B 45 -25.99 7.20 -4.56
CA LEU B 45 -25.38 5.89 -4.80
C LEU B 45 -26.19 4.84 -4.04
N VAL B 46 -27.00 4.07 -4.77
CA VAL B 46 -27.81 3.01 -4.15
C VAL B 46 -26.93 1.79 -3.88
N LYS B 47 -27.19 1.12 -2.77
CA LYS B 47 -26.46 -0.08 -2.40
C LYS B 47 -27.39 -1.12 -1.77
N HIS B 76 -9.07 -9.10 -7.27
CA HIS B 76 -9.11 -7.87 -8.04
C HIS B 76 -10.29 -7.86 -9.01
N LYS B 77 -11.35 -7.15 -8.64
CA LYS B 77 -12.55 -7.04 -9.45
C LYS B 77 -12.99 -5.59 -9.56
N VAL B 78 -13.59 -5.26 -10.71
CA VAL B 78 -14.16 -3.93 -10.90
C VAL B 78 -15.38 -3.77 -10.00
N LYS B 79 -15.54 -2.58 -9.44
CA LYS B 79 -16.71 -2.28 -8.63
C LYS B 79 -17.81 -1.68 -9.51
N ILE B 80 -19.05 -1.94 -9.12
CA ILE B 80 -20.22 -1.43 -9.80
C ILE B 80 -20.88 -0.37 -8.91
N LYS B 81 -21.06 0.83 -9.46
CA LYS B 81 -21.68 1.93 -8.74
C LYS B 81 -22.96 2.31 -9.48
N SER B 82 -24.09 2.24 -8.78
CA SER B 82 -25.40 2.50 -9.37
C SER B 82 -25.96 3.79 -8.79
N TYR B 83 -26.30 4.74 -9.66
CA TYR B 83 -26.81 6.04 -9.26
C TYR B 83 -28.22 6.23 -9.80
N GLU B 84 -29.13 6.67 -8.93
CA GLU B 84 -30.53 6.89 -9.29
C GLU B 84 -30.85 8.36 -9.09
N SER B 85 -31.20 9.04 -10.18
CA SER B 85 -31.56 10.45 -10.13
C SER B 85 -32.88 10.67 -10.85
N VAL B 86 -33.54 11.77 -10.50
CA VAL B 86 -34.78 12.20 -11.15
C VAL B 86 -34.44 13.39 -12.02
N ILE B 87 -34.75 13.28 -13.32
CA ILE B 87 -34.37 14.30 -14.30
C ILE B 87 -35.63 14.88 -14.92
N GLU B 88 -35.63 16.21 -15.11
CA GLU B 88 -36.75 16.90 -15.74
C GLU B 88 -36.48 17.04 -17.23
N GLU B 89 -36.45 15.88 -17.90
CA GLU B 89 -36.18 15.80 -19.33
C GLU B 89 -37.47 15.46 -20.07
N ASN B 90 -37.77 16.25 -21.11
CA ASN B 90 -39.02 16.14 -21.88
C ASN B 90 -40.23 16.39 -20.97
N GLY B 91 -40.14 17.44 -20.16
CA GLY B 91 -41.25 17.85 -19.30
C GLY B 91 -41.54 16.90 -18.16
N VAL B 92 -41.62 15.60 -18.48
CA VAL B 92 -41.93 14.60 -17.47
C VAL B 92 -40.70 14.31 -16.62
N LYS B 93 -40.93 13.81 -15.42
CA LYS B 93 -39.86 13.24 -14.62
C LYS B 93 -39.26 12.04 -15.34
N LEU B 94 -37.94 11.95 -15.32
CA LEU B 94 -37.19 10.84 -15.91
C LEU B 94 -36.49 10.08 -14.80
N ASN B 95 -36.85 8.82 -14.63
CA ASN B 95 -36.21 7.96 -13.62
C ASN B 95 -34.92 7.39 -14.21
N LEU B 96 -33.89 8.23 -14.23
CA LEU B 96 -32.61 7.85 -14.81
C LEU B 96 -31.81 7.02 -13.82
N ASN B 97 -31.22 5.93 -14.31
CA ASN B 97 -30.31 5.09 -13.52
C ASN B 97 -29.00 4.96 -14.29
N VAL B 98 -27.93 5.49 -13.72
CA VAL B 98 -26.61 5.48 -14.33
C VAL B 98 -25.77 4.44 -13.59
N ILE B 99 -25.30 3.44 -14.32
CA ILE B 99 -24.44 2.39 -13.76
C ILE B 99 -23.01 2.69 -14.17
N ASP B 100 -22.12 2.81 -13.20
CA ASP B 100 -20.74 3.23 -13.44
C ASP B 100 -19.78 2.14 -12.98
N THR B 101 -18.54 2.26 -13.45
CA THR B 101 -17.47 1.31 -13.12
C THR B 101 -16.37 2.03 -12.35
N GLU B 102 -15.81 1.34 -11.36
CA GLU B 102 -14.67 1.83 -10.59
C GLU B 102 -13.51 0.86 -10.79
N GLY B 103 -12.43 1.32 -11.40
CA GLY B 103 -11.24 0.51 -11.57
C GLY B 103 -11.21 -0.35 -12.81
N PHE B 104 -11.97 -0.02 -13.85
CA PHE B 104 -11.91 -0.79 -15.08
C PHE B 104 -10.60 -0.51 -15.81
N GLY B 105 -9.89 -1.59 -16.15
CA GLY B 105 -8.62 -1.45 -16.84
C GLY B 105 -7.47 -0.95 -16.00
N ASP B 106 -7.63 -0.92 -14.67
CA ASP B 106 -6.60 -0.38 -13.78
C ASP B 106 -5.94 -1.45 -12.93
N PHE B 107 -6.09 -2.72 -13.31
CA PHE B 107 -5.33 -3.80 -12.69
C PHE B 107 -4.17 -4.22 -13.59
N LEU B 108 -3.17 -4.85 -12.99
CA LEU B 108 -2.06 -5.38 -13.77
C LEU B 108 -2.55 -6.42 -14.78
N ASN B 109 -3.60 -7.15 -14.43
CA ASN B 109 -4.19 -8.17 -15.30
C ASN B 109 -5.68 -7.86 -15.43
N ASN B 110 -6.09 -7.37 -16.59
CA ASN B 110 -7.48 -6.99 -16.84
C ASN B 110 -8.18 -8.06 -17.68
N ASP B 111 -8.16 -9.29 -17.17
CA ASP B 111 -8.84 -10.38 -17.85
C ASP B 111 -10.33 -10.33 -17.55
N GLN B 112 -11.07 -11.30 -18.10
CA GLN B 112 -12.53 -11.28 -17.99
C GLN B 112 -12.99 -11.34 -16.53
N LYS B 113 -12.26 -12.07 -15.68
CA LYS B 113 -12.64 -12.15 -14.27
C LYS B 113 -12.62 -10.78 -13.60
N SER B 114 -11.81 -9.86 -14.12
CA SER B 114 -11.72 -8.53 -13.50
C SER B 114 -12.96 -7.70 -13.79
N TRP B 115 -13.39 -7.67 -15.06
CA TRP B 115 -14.55 -6.89 -15.46
C TRP B 115 -15.82 -7.74 -15.60
N ASP B 116 -15.82 -8.95 -15.06
CA ASP B 116 -17.03 -9.78 -15.11
C ASP B 116 -18.19 -9.22 -14.31
N PRO B 117 -18.00 -8.50 -13.18
CA PRO B 117 -19.16 -7.88 -12.51
C PRO B 117 -20.01 -7.01 -13.41
N ILE B 118 -19.43 -6.49 -14.50
CA ILE B 118 -20.21 -5.72 -15.47
C ILE B 118 -21.25 -6.61 -16.13
N ILE B 119 -20.84 -7.80 -16.57
CA ILE B 119 -21.76 -8.72 -17.24
C ILE B 119 -22.72 -9.34 -16.24
N LYS B 120 -22.23 -9.68 -15.05
CA LYS B 120 -23.11 -10.22 -14.01
C LYS B 120 -24.23 -9.25 -13.68
N GLU B 121 -23.94 -7.95 -13.72
CA GLU B 121 -24.97 -6.96 -13.43
C GLU B 121 -25.97 -6.83 -14.58
N ILE B 122 -25.50 -6.98 -15.82
CA ILE B 122 -26.40 -6.92 -16.97
C ILE B 122 -27.32 -8.13 -16.99
N ASP B 123 -26.74 -9.32 -16.81
CA ASP B 123 -27.56 -10.53 -16.77
C ASP B 123 -28.50 -10.53 -15.57
N SER B 124 -28.08 -9.93 -14.45
CA SER B 124 -28.93 -9.89 -13.27
C SER B 124 -30.16 -9.01 -13.51
N ARG B 125 -29.98 -7.87 -14.18
CA ARG B 125 -31.12 -7.02 -14.49
C ARG B 125 -32.05 -7.67 -15.50
N PHE B 126 -31.51 -8.55 -16.36
CA PHE B 126 -32.35 -9.39 -17.19
C PHE B 126 -33.10 -10.41 -16.34
N ASP B 127 -32.40 -11.02 -15.37
CA ASP B 127 -33.01 -12.07 -14.54
C ASP B 127 -34.13 -11.51 -13.68
N GLN B 128 -33.92 -10.33 -13.07
CA GLN B 128 -34.96 -9.74 -12.24
C GLN B 128 -36.23 -9.46 -13.03
N TYR B 129 -36.08 -8.93 -14.25
CA TYR B 129 -37.25 -8.65 -15.07
C TYR B 129 -37.95 -9.94 -15.49
N LEU B 130 -37.17 -10.98 -15.80
CA LEU B 130 -37.78 -12.23 -16.25
C LEU B 130 -38.64 -12.86 -15.16
N ASP B 131 -38.19 -12.81 -13.91
CA ASP B 131 -38.97 -13.37 -12.81
C ASP B 131 -40.20 -12.53 -12.52
N ALA B 132 -40.03 -11.21 -12.44
CA ALA B 132 -41.18 -10.34 -12.19
C ALA B 132 -42.17 -10.37 -13.33
N GLU B 133 -41.71 -10.61 -14.56
CA GLU B 133 -42.60 -10.71 -15.71
C GLU B 133 -43.44 -11.98 -15.66
N ASN B 134 -42.99 -13.01 -14.95
CA ASN B 134 -43.69 -14.29 -14.90
C ASN B 134 -44.73 -14.37 -13.78
N LYS B 135 -44.82 -13.36 -12.93
CA LYS B 135 -45.71 -13.43 -11.78
C LYS B 135 -47.14 -13.08 -12.18
N ILE B 136 -48.09 -13.49 -11.34
CA ILE B 136 -49.49 -13.19 -11.58
C ILE B 136 -49.74 -11.69 -11.51
N ASN B 137 -49.17 -11.04 -10.51
CA ASN B 137 -49.32 -9.61 -10.33
C ASN B 137 -48.07 -8.91 -10.86
N ARG B 138 -48.08 -8.64 -12.17
CA ARG B 138 -47.15 -7.72 -12.80
C ARG B 138 -47.96 -6.54 -13.32
N HIS B 139 -47.47 -5.33 -13.04
CA HIS B 139 -48.26 -4.11 -13.28
C HIS B 139 -47.42 -2.86 -13.10
N SER B 140 -46.47 -2.88 -12.15
CA SER B 140 -45.49 -1.83 -11.96
C SER B 140 -44.13 -2.47 -11.76
N ILE B 141 -43.66 -3.16 -12.80
CA ILE B 141 -42.35 -3.79 -12.76
C ILE B 141 -41.29 -2.71 -12.74
N ASN B 142 -40.30 -2.86 -11.86
CA ASN B 142 -39.15 -1.95 -11.85
C ASN B 142 -38.18 -2.45 -12.91
N ASP B 143 -38.32 -1.91 -14.12
CA ASP B 143 -37.51 -2.33 -15.26
C ASP B 143 -36.10 -1.76 -15.10
N LYS B 144 -35.20 -2.58 -14.56
CA LYS B 144 -33.81 -2.16 -14.38
C LYS B 144 -32.92 -2.58 -15.54
N ARG B 145 -33.47 -3.16 -16.59
CA ARG B 145 -32.66 -3.58 -17.72
C ARG B 145 -31.90 -2.41 -18.31
N ILE B 146 -30.64 -2.63 -18.65
CA ILE B 146 -29.78 -1.59 -19.17
C ILE B 146 -30.10 -1.34 -20.64
N HIS B 147 -30.39 -0.09 -20.98
CA HIS B 147 -30.86 0.25 -22.32
C HIS B 147 -29.74 0.68 -23.26
N ALA B 148 -28.60 1.13 -22.72
CA ALA B 148 -27.49 1.55 -23.56
C ALA B 148 -26.20 1.42 -22.77
N CYS B 149 -25.13 1.06 -23.48
CA CYS B 149 -23.80 0.93 -22.89
C CYS B 149 -22.84 1.84 -23.65
N LEU B 150 -22.45 2.94 -23.01
CA LEU B 150 -21.45 3.84 -23.56
C LEU B 150 -20.07 3.28 -23.24
N TYR B 151 -19.29 2.95 -24.26
CA TYR B 151 -17.91 2.52 -24.06
C TYR B 151 -16.99 3.69 -24.38
N PHE B 152 -16.16 4.05 -23.40
CA PHE B 152 -15.29 5.21 -23.51
C PHE B 152 -13.93 4.77 -24.03
N ILE B 153 -13.53 5.31 -25.18
CA ILE B 153 -12.26 5.00 -25.81
C ILE B 153 -11.29 6.14 -25.51
N GLU B 154 -10.09 5.78 -25.06
CA GLU B 154 -9.07 6.80 -24.81
C GLU B 154 -8.65 7.43 -26.13
N PRO B 155 -8.46 8.76 -26.16
CA PRO B 155 -8.04 9.48 -27.36
C PRO B 155 -6.57 9.24 -27.73
N THR B 156 -6.19 7.97 -27.84
CA THR B 156 -4.83 7.64 -28.25
C THR B 156 -4.58 8.07 -29.69
N GLY B 157 -5.61 7.98 -30.53
CA GLY B 157 -5.47 8.26 -31.94
C GLY B 157 -4.95 7.12 -32.78
N HIS B 158 -4.59 6.00 -32.16
CA HIS B 158 -4.01 4.87 -32.90
C HIS B 158 -5.05 3.79 -33.16
N TYR B 159 -5.37 2.99 -32.15
CA TYR B 159 -6.25 1.85 -32.34
C TYR B 159 -6.89 1.47 -31.00
N LEU B 160 -7.81 0.50 -31.06
CA LEU B 160 -8.40 -0.07 -29.87
C LEU B 160 -7.47 -1.11 -29.28
N LYS B 161 -7.39 -1.14 -27.95
CA LYS B 161 -6.53 -2.09 -27.26
C LYS B 161 -7.20 -3.45 -27.19
N PRO B 162 -6.43 -4.51 -26.90
CA PRO B 162 -7.05 -5.83 -26.70
C PRO B 162 -8.13 -5.84 -25.63
N LEU B 163 -7.99 -5.01 -24.59
CA LEU B 163 -9.03 -4.95 -23.56
C LEU B 163 -10.30 -4.32 -24.11
N ASP B 164 -10.17 -3.30 -24.97
CA ASP B 164 -11.33 -2.68 -25.59
C ASP B 164 -12.12 -3.69 -26.41
N LEU B 165 -11.42 -4.50 -27.20
CA LEU B 165 -12.09 -5.48 -28.05
C LEU B 165 -12.69 -6.61 -27.23
N LYS B 166 -12.00 -7.04 -26.18
CA LYS B 166 -12.47 -8.18 -25.38
C LYS B 166 -13.76 -7.85 -24.65
N PHE B 167 -13.81 -6.68 -24.01
CA PHE B 167 -15.03 -6.31 -23.29
C PHE B 167 -16.19 -6.10 -24.25
N MET B 168 -15.99 -5.29 -25.30
CA MET B 168 -17.06 -5.00 -26.23
C MET B 168 -17.52 -6.26 -26.96
N GLN B 169 -16.64 -7.26 -27.09
CA GLN B 169 -17.06 -8.54 -27.65
C GLN B 169 -17.97 -9.30 -26.71
N SER B 170 -18.04 -8.91 -25.44
CA SER B 170 -18.84 -9.59 -24.43
C SER B 170 -20.01 -8.76 -23.95
N VAL B 171 -20.35 -7.67 -24.64
CA VAL B 171 -21.40 -6.78 -24.17
C VAL B 171 -22.40 -6.46 -25.28
N TYR B 172 -21.96 -6.56 -26.53
CA TYR B 172 -22.77 -6.06 -27.63
C TYR B 172 -24.03 -6.89 -27.86
N GLU B 173 -24.06 -8.13 -27.39
CA GLU B 173 -25.25 -8.97 -27.53
C GLU B 173 -26.22 -8.83 -26.37
N LYS B 174 -25.89 -8.03 -25.36
CA LYS B 174 -26.76 -7.82 -24.22
C LYS B 174 -27.14 -6.36 -24.02
N CYS B 175 -26.34 -5.42 -24.51
CA CYS B 175 -26.65 -4.00 -24.43
C CYS B 175 -26.58 -3.37 -25.81
N ASN B 176 -27.21 -2.22 -25.95
CA ASN B 176 -27.03 -1.38 -27.12
C ASN B 176 -25.70 -0.66 -26.99
N LEU B 177 -24.70 -1.11 -27.75
CA LEU B 177 -23.35 -0.61 -27.58
C LEU B 177 -23.16 0.69 -28.35
N ILE B 178 -22.65 1.71 -27.67
CA ILE B 178 -22.39 3.01 -28.27
C ILE B 178 -20.96 3.43 -27.92
N PRO B 179 -20.00 3.26 -28.82
CA PRO B 179 -18.63 3.66 -28.52
C PRO B 179 -18.46 5.17 -28.72
N VAL B 180 -17.75 5.79 -27.78
CA VAL B 180 -17.42 7.21 -27.88
C VAL B 180 -15.93 7.40 -27.70
N ILE B 181 -15.39 8.43 -28.33
CA ILE B 181 -14.00 8.84 -28.14
C ILE B 181 -14.00 9.94 -27.07
N ALA B 182 -13.51 9.61 -25.89
CA ALA B 182 -13.57 10.54 -24.77
C ALA B 182 -12.49 11.62 -24.90
N LYS B 183 -12.80 12.80 -24.36
CA LYS B 183 -11.86 13.92 -24.34
C LYS B 183 -11.33 14.22 -25.75
N SER B 184 -12.22 14.14 -26.73
CA SER B 184 -11.83 14.25 -28.13
C SER B 184 -11.35 15.65 -28.50
N ASP B 185 -11.35 16.61 -27.57
CA ASP B 185 -10.89 17.95 -27.89
C ASP B 185 -9.40 17.98 -28.19
N ILE B 186 -8.63 17.03 -27.66
CA ILE B 186 -7.19 16.99 -27.89
C ILE B 186 -6.82 16.51 -29.28
N LEU B 187 -7.78 15.95 -30.04
CA LEU B 187 -7.50 15.40 -31.36
C LEU B 187 -7.75 16.46 -32.43
N THR B 188 -6.86 16.51 -33.42
CA THR B 188 -7.11 17.36 -34.57
C THR B 188 -8.23 16.78 -35.42
N ASP B 189 -8.71 17.57 -36.38
CA ASP B 189 -9.81 17.14 -37.23
C ASP B 189 -9.44 15.88 -38.00
N GLU B 190 -8.18 15.80 -38.45
CA GLU B 190 -7.73 14.66 -39.24
C GLU B 190 -7.54 13.42 -38.37
N GLU B 191 -6.99 13.60 -37.16
CA GLU B 191 -6.79 12.47 -36.25
C GLU B 191 -8.11 11.78 -35.93
N ILE B 192 -9.17 12.56 -35.75
CA ILE B 192 -10.48 11.99 -35.43
C ILE B 192 -10.96 11.11 -36.57
N LEU B 193 -10.86 11.61 -37.81
CA LEU B 193 -11.28 10.81 -38.96
C LEU B 193 -10.48 9.53 -39.07
N SER B 194 -9.15 9.64 -38.99
CA SER B 194 -8.30 8.45 -39.10
C SER B 194 -8.55 7.49 -37.94
N PHE B 195 -8.74 8.03 -36.74
CA PHE B 195 -8.99 7.18 -35.58
C PHE B 195 -10.31 6.44 -35.71
N LYS B 196 -11.37 7.15 -36.13
CA LYS B 196 -12.67 6.50 -36.32
C LYS B 196 -12.58 5.38 -37.36
N LYS B 197 -11.85 5.63 -38.44
CA LYS B 197 -11.72 4.63 -39.50
C LYS B 197 -11.06 3.36 -38.97
N THR B 198 -10.01 3.52 -38.15
CA THR B 198 -9.33 2.37 -37.57
C THR B 198 -10.23 1.64 -36.57
N ILE B 199 -10.96 2.39 -35.73
CA ILE B 199 -11.79 1.78 -34.70
C ILE B 199 -12.90 0.94 -35.34
N MET B 200 -13.56 1.47 -36.36
CA MET B 200 -14.67 0.77 -36.99
C MET B 200 -14.21 -0.52 -37.65
N ASN B 201 -13.08 -0.48 -38.36
CA ASN B 201 -12.54 -1.69 -38.97
C ASN B 201 -12.21 -2.75 -37.93
N GLN B 202 -11.85 -2.33 -36.71
CA GLN B 202 -11.58 -3.30 -35.65
C GLN B 202 -12.87 -3.94 -35.15
N LEU B 203 -13.89 -3.12 -34.89
CA LEU B 203 -15.17 -3.66 -34.44
C LEU B 203 -15.77 -4.58 -35.49
N ILE B 204 -15.62 -4.21 -36.77
CA ILE B 204 -16.15 -5.05 -37.85
C ILE B 204 -15.40 -6.38 -37.90
N GLN B 205 -14.08 -6.35 -37.73
CA GLN B 205 -13.28 -7.57 -37.77
C GLN B 205 -13.51 -8.46 -36.56
N SER B 206 -13.98 -7.91 -35.44
CA SER B 206 -14.35 -8.71 -34.28
C SER B 206 -15.83 -9.06 -34.28
N ASN B 207 -16.54 -8.78 -35.37
CA ASN B 207 -17.99 -9.03 -35.49
C ASN B 207 -18.77 -8.33 -34.39
N ILE B 208 -18.23 -7.23 -33.87
CA ILE B 208 -18.91 -6.45 -32.84
C ILE B 208 -19.99 -5.61 -33.50
N GLU B 209 -21.18 -5.62 -32.92
CA GLU B 209 -22.36 -5.00 -33.52
C GLU B 209 -22.74 -3.76 -32.73
N LEU B 210 -22.62 -2.60 -33.37
CA LEU B 210 -23.00 -1.35 -32.73
C LEU B 210 -24.51 -1.12 -32.90
N PHE B 211 -25.04 -0.16 -32.13
CA PHE B 211 -26.44 0.19 -32.23
C PHE B 211 -26.68 1.01 -33.50
N LYS B 212 -27.59 0.56 -34.34
CA LYS B 212 -27.88 1.22 -35.60
C LYS B 212 -29.25 1.88 -35.51
N PRO B 213 -29.33 3.21 -35.58
CA PRO B 213 -30.64 3.89 -35.55
C PRO B 213 -31.45 3.54 -36.79
N PRO B 214 -32.64 2.95 -36.61
CA PRO B 214 -33.51 2.60 -37.74
C PRO B 214 -34.02 3.83 -38.49
N LEU B 230 -26.33 9.09 -38.40
CA LEU B 230 -26.01 8.85 -37.00
C LEU B 230 -25.13 7.62 -36.82
N PHE B 231 -25.44 6.56 -37.56
CA PHE B 231 -24.67 5.32 -37.42
C PHE B 231 -23.29 5.43 -38.06
N SER B 232 -23.15 6.26 -39.10
CA SER B 232 -21.88 6.33 -39.83
C SER B 232 -20.83 7.13 -39.07
N SER B 233 -21.22 8.13 -38.30
CA SER B 233 -20.28 8.93 -37.52
C SER B 233 -19.81 8.22 -36.25
N LEU B 234 -20.20 6.97 -36.04
CA LEU B 234 -19.72 6.22 -34.89
C LEU B 234 -18.25 5.83 -35.10
N PRO B 235 -17.43 5.83 -34.05
CA PRO B 235 -17.75 6.21 -32.66
C PRO B 235 -17.79 7.73 -32.50
N TYR B 236 -18.65 8.25 -31.64
CA TYR B 236 -18.82 9.68 -31.53
C TYR B 236 -17.64 10.33 -30.82
N ALA B 237 -17.12 11.41 -31.40
CA ALA B 237 -16.09 12.22 -30.77
C ALA B 237 -16.76 13.27 -29.90
N VAL B 238 -16.75 13.06 -28.59
CA VAL B 238 -17.54 13.87 -27.68
C VAL B 238 -16.62 14.66 -26.76
N ILE B 239 -17.19 15.73 -26.19
CA ILE B 239 -16.55 16.48 -25.13
C ILE B 239 -17.54 16.58 -23.97
N GLY B 240 -17.01 16.85 -22.79
CA GLY B 240 -17.85 16.91 -21.60
C GLY B 240 -17.59 18.12 -20.72
N SER B 241 -18.62 18.91 -20.48
CA SER B 241 -18.53 20.05 -19.57
C SER B 241 -19.90 20.63 -19.28
N ASN B 242 -20.39 20.45 -18.05
CA ASN B 242 -21.57 21.13 -17.56
C ASN B 242 -21.22 22.45 -16.86
N ASP B 243 -20.03 22.99 -17.14
CA ASP B 243 -19.54 24.21 -16.52
C ASP B 243 -19.58 25.35 -17.52
N ILE B 244 -19.81 26.56 -17.02
CA ILE B 244 -19.97 27.75 -17.85
C ILE B 244 -18.63 28.43 -18.02
N VAL B 245 -18.23 28.66 -19.28
CA VAL B 245 -17.02 29.40 -19.60
C VAL B 245 -17.41 30.57 -20.50
N GLU B 246 -16.44 31.45 -20.75
CA GLU B 246 -16.62 32.64 -21.55
C GLU B 246 -15.71 32.56 -22.77
N ASN B 247 -16.29 32.73 -23.95
CA ASN B 247 -15.52 32.58 -25.18
C ASN B 247 -14.97 33.93 -25.63
N TYR B 248 -14.22 33.91 -26.75
CA TYR B 248 -13.53 35.09 -27.24
C TYR B 248 -14.48 36.18 -27.76
N SER B 249 -15.79 35.98 -27.66
CA SER B 249 -16.76 37.03 -27.90
C SER B 249 -17.46 37.46 -26.61
N GLY B 250 -17.02 36.95 -25.47
CA GLY B 250 -17.58 37.34 -24.20
C GLY B 250 -18.92 36.72 -23.85
N ASN B 251 -19.23 35.56 -24.44
CA ASN B 251 -20.53 34.93 -24.24
C ASN B 251 -20.42 33.76 -23.27
N GLN B 252 -21.47 33.57 -22.47
CA GLN B 252 -21.51 32.46 -21.52
C GLN B 252 -21.92 31.19 -22.24
N VAL B 253 -21.03 30.18 -22.21
CA VAL B 253 -21.27 28.91 -22.89
C VAL B 253 -20.77 27.77 -22.02
N ARG B 254 -21.28 26.58 -22.30
CA ARG B 254 -20.73 25.36 -21.70
C ARG B 254 -19.49 24.93 -22.48
N GLY B 255 -18.51 24.42 -21.75
CA GLY B 255 -17.31 23.92 -22.39
C GLY B 255 -16.10 24.10 -21.49
N ARG B 256 -14.93 24.05 -22.12
CA ARG B 256 -13.65 24.11 -21.42
C ARG B 256 -12.78 25.20 -22.03
N SER B 257 -12.11 25.96 -21.17
CA SER B 257 -11.28 27.08 -21.57
C SER B 257 -9.80 26.72 -21.40
N TYR B 258 -9.00 27.04 -22.42
CA TYR B 258 -7.59 26.75 -22.46
C TYR B 258 -6.83 27.98 -22.90
N PRO B 259 -5.51 28.01 -22.73
CA PRO B 259 -4.72 29.06 -23.39
C PRO B 259 -4.82 29.01 -24.90
N TRP B 260 -5.01 27.83 -25.47
CA TRP B 260 -5.04 27.64 -26.91
C TRP B 260 -6.44 27.69 -27.50
N GLY B 261 -7.45 27.98 -26.71
CA GLY B 261 -8.79 28.14 -27.25
C GLY B 261 -9.85 27.75 -26.24
N VAL B 262 -11.10 27.97 -26.65
CA VAL B 262 -12.27 27.65 -25.85
C VAL B 262 -13.16 26.73 -26.69
N ILE B 263 -13.35 25.50 -26.22
CA ILE B 263 -14.20 24.54 -26.91
C ILE B 263 -15.57 24.55 -26.27
N GLU B 264 -16.61 24.46 -27.10
CA GLU B 264 -17.99 24.64 -26.66
C GLU B 264 -18.73 23.33 -26.82
N VAL B 265 -19.39 22.88 -25.75
CA VAL B 265 -20.08 21.59 -25.75
C VAL B 265 -21.20 21.58 -26.78
N ASP B 266 -22.07 22.60 -26.73
CA ASP B 266 -23.23 22.69 -27.59
C ASP B 266 -22.90 23.23 -28.98
N ASN B 267 -21.66 23.11 -29.42
CA ASN B 267 -21.23 23.58 -30.73
C ASN B 267 -20.98 22.37 -31.63
N ASP B 268 -21.74 22.27 -32.72
CA ASP B 268 -21.59 21.14 -33.63
C ASP B 268 -20.28 21.18 -34.40
N ASN B 269 -19.61 22.33 -34.47
CA ASN B 269 -18.32 22.43 -35.13
C ASN B 269 -17.17 21.95 -34.27
N HIS B 270 -17.42 21.66 -32.99
CA HIS B 270 -16.36 21.31 -32.06
C HIS B 270 -16.35 19.85 -31.63
N SER B 271 -17.46 19.13 -31.79
CA SER B 271 -17.54 17.75 -31.31
C SER B 271 -18.75 17.08 -31.96
N ASP B 272 -19.01 15.84 -31.54
CA ASP B 272 -20.20 15.08 -31.90
C ASP B 272 -21.19 14.97 -30.75
N PHE B 273 -21.07 15.85 -29.74
CA PHE B 273 -21.88 15.75 -28.53
C PHE B 273 -23.36 15.74 -28.84
N ASN B 274 -23.82 16.62 -29.73
CA ASN B 274 -25.23 16.67 -30.05
C ASN B 274 -25.69 15.41 -30.77
N LEU B 275 -24.80 14.78 -31.54
CA LEU B 275 -25.16 13.52 -32.19
C LEU B 275 -25.42 12.44 -31.14
N LEU B 276 -24.55 12.37 -30.12
CA LEU B 276 -24.79 11.43 -29.02
C LEU B 276 -26.02 11.83 -28.23
N LYS B 277 -26.25 13.13 -28.04
CA LYS B 277 -27.43 13.57 -27.30
C LYS B 277 -28.70 13.21 -28.05
N ASN B 278 -28.70 13.38 -29.37
CA ASN B 278 -29.87 12.96 -30.16
C ASN B 278 -30.07 11.46 -30.08
N LEU B 279 -28.99 10.70 -30.20
CA LEU B 279 -29.11 9.24 -30.19
C LEU B 279 -29.62 8.74 -28.85
N LEU B 280 -29.15 9.33 -27.75
CA LEU B 280 -29.48 8.83 -26.42
C LEU B 280 -30.79 9.39 -25.88
N ILE B 281 -31.07 10.67 -26.09
CA ILE B 281 -32.10 11.34 -25.30
C ILE B 281 -33.20 11.95 -26.17
N LYS B 282 -32.82 12.82 -27.10
CA LYS B 282 -33.81 13.67 -27.76
C LYS B 282 -34.47 13.02 -28.98
N GLN B 283 -33.84 12.03 -29.59
CA GLN B 283 -34.40 11.42 -30.80
C GLN B 283 -34.70 9.94 -30.62
N PHE B 284 -33.70 9.13 -30.26
CA PHE B 284 -33.80 7.67 -30.37
C PHE B 284 -33.80 6.96 -29.02
N MET B 285 -34.29 7.61 -27.96
CA MET B 285 -34.36 6.92 -26.68
C MET B 285 -35.38 5.80 -26.70
N GLU B 286 -36.47 5.96 -27.46
CA GLU B 286 -37.51 4.94 -27.49
C GLU B 286 -37.04 3.68 -28.21
N GLU B 287 -36.33 3.84 -29.32
CA GLU B 287 -35.85 2.67 -30.06
C GLU B 287 -34.72 1.96 -29.32
N LEU B 288 -33.97 2.71 -28.50
CA LEU B 288 -32.98 2.08 -27.63
C LEU B 288 -33.64 1.14 -26.63
N LYS B 289 -34.71 1.61 -25.98
CA LYS B 289 -35.45 0.76 -25.06
C LYS B 289 -36.16 -0.37 -25.81
N GLU B 290 -36.59 -0.12 -27.04
CA GLU B 290 -37.31 -1.15 -27.79
C GLU B 290 -36.38 -2.32 -28.13
N ARG B 291 -35.18 -2.00 -28.63
CA ARG B 291 -34.24 -3.07 -29.00
C ARG B 291 -33.84 -3.89 -27.79
N THR B 292 -33.68 -3.26 -26.63
CA THR B 292 -33.41 -4.02 -25.41
C THR B 292 -34.57 -4.96 -25.10
N SER B 293 -35.80 -4.45 -25.18
CA SER B 293 -36.97 -5.23 -24.81
C SER B 293 -37.27 -6.33 -25.81
N LYS B 294 -37.32 -5.99 -27.10
CA LYS B 294 -37.81 -6.91 -28.11
C LYS B 294 -36.75 -7.89 -28.59
N ILE B 295 -35.47 -7.58 -28.43
CA ILE B 295 -34.41 -8.36 -29.06
C ILE B 295 -33.39 -8.85 -28.04
N LEU B 296 -32.68 -7.90 -27.41
CA LEU B 296 -31.60 -8.26 -26.51
C LEU B 296 -32.10 -9.07 -25.33
N TYR B 297 -33.20 -8.63 -24.71
CA TYR B 297 -33.77 -9.38 -23.59
C TYR B 297 -34.33 -10.71 -24.04
N GLU B 298 -34.99 -10.73 -25.21
CA GLU B 298 -35.61 -11.97 -25.67
C GLU B 298 -34.55 -13.01 -26.03
N ASN B 299 -33.45 -12.58 -26.64
CA ASN B 299 -32.38 -13.51 -26.97
C ASN B 299 -31.75 -14.09 -25.71
N TYR B 300 -31.61 -13.26 -24.67
CA TYR B 300 -31.07 -13.74 -23.41
C TYR B 300 -32.00 -14.78 -22.78
N ARG B 301 -33.30 -14.46 -22.72
CA ARG B 301 -34.26 -15.36 -22.08
C ARG B 301 -34.37 -16.68 -22.84
N SER B 302 -34.32 -16.62 -24.17
CA SER B 302 -34.44 -17.84 -24.97
C SER B 302 -33.31 -18.80 -24.69
N SER B 303 -32.06 -18.32 -24.79
CA SER B 303 -30.90 -19.15 -24.51
C SER B 303 -30.79 -19.55 -23.04
N LYS B 304 -31.59 -18.94 -22.15
CA LYS B 304 -31.57 -19.34 -20.75
C LYS B 304 -32.38 -20.60 -20.51
N LEU B 305 -33.36 -20.88 -21.38
CA LEU B 305 -34.21 -22.05 -21.22
C LEU B 305 -33.63 -23.25 -21.96
N TYR C 3 -26.40 -58.90 40.55
CA TYR C 3 -25.85 -58.04 39.52
C TYR C 3 -26.74 -58.01 38.27
N VAL C 4 -27.21 -56.82 37.91
CA VAL C 4 -28.10 -56.64 36.77
C VAL C 4 -27.26 -56.37 35.52
N GLY C 5 -26.53 -55.27 35.53
CA GLY C 5 -25.63 -54.98 34.42
C GLY C 5 -25.92 -53.69 33.69
N PHE C 6 -26.64 -52.77 34.34
CA PHE C 6 -26.87 -51.47 33.74
C PHE C 6 -25.68 -50.52 33.89
N ASP C 7 -24.66 -50.89 34.66
CA ASP C 7 -23.44 -50.09 34.70
C ASP C 7 -22.63 -50.22 33.42
N THR C 8 -23.04 -51.11 32.51
CA THR C 8 -22.42 -51.21 31.19
C THR C 8 -22.91 -50.13 30.24
N ILE C 9 -23.84 -49.27 30.66
CA ILE C 9 -24.35 -48.23 29.78
C ILE C 9 -23.25 -47.23 29.42
N THR C 10 -22.27 -47.06 30.30
CA THR C 10 -21.15 -46.18 29.99
C THR C 10 -20.31 -46.73 28.86
N ASN C 11 -20.08 -48.05 28.86
CA ASN C 11 -19.42 -48.69 27.72
C ASN C 11 -20.29 -48.58 26.48
N GLN C 12 -21.61 -48.69 26.63
CA GLN C 12 -22.51 -48.57 25.50
C GLN C 12 -22.51 -47.16 24.93
N ILE C 13 -22.47 -46.15 25.79
CA ILE C 13 -22.42 -44.76 25.32
C ILE C 13 -21.10 -44.47 24.64
N GLU C 14 -19.99 -44.95 25.21
CA GLU C 14 -18.67 -44.70 24.64
C GLU C 14 -18.57 -45.26 23.23
N HIS C 15 -19.00 -46.51 23.03
CA HIS C 15 -18.91 -47.13 21.72
C HIS C 15 -19.68 -46.34 20.67
N ARG C 16 -20.79 -45.71 21.06
CA ARG C 16 -21.55 -44.90 20.11
C ARG C 16 -20.83 -43.61 19.79
N LEU C 17 -20.25 -42.96 20.80
CA LEU C 17 -19.56 -41.69 20.56
C LEU C 17 -18.27 -41.89 19.77
N LEU C 18 -17.64 -43.06 19.90
CA LEU C 18 -16.42 -43.32 19.14
C LEU C 18 -16.69 -43.52 17.67
N LYS C 19 -17.87 -44.06 17.32
CA LYS C 19 -18.27 -44.13 15.92
C LYS C 19 -18.54 -42.75 15.35
N LYS C 20 -19.09 -41.86 16.19
CA LYS C 20 -19.46 -40.53 15.73
C LYS C 20 -18.23 -39.67 15.44
N GLY C 21 -17.33 -39.57 16.40
CA GLY C 21 -16.22 -38.65 16.34
C GLY C 21 -16.46 -37.42 17.18
N PHE C 22 -15.43 -36.59 17.29
CA PHE C 22 -15.47 -35.42 18.16
C PHE C 22 -15.06 -34.17 17.39
N GLN C 23 -15.70 -33.06 17.74
CA GLN C 23 -15.49 -31.77 17.09
C GLN C 23 -15.00 -30.78 18.13
N PHE C 24 -13.95 -30.04 17.79
CA PHE C 24 -13.42 -28.98 18.65
C PHE C 24 -12.96 -27.83 17.76
N ASN C 25 -13.67 -26.70 17.83
CA ASN C 25 -13.36 -25.52 17.04
C ASN C 25 -12.68 -24.51 17.96
N ILE C 26 -11.38 -24.32 17.76
CA ILE C 26 -10.56 -23.44 18.60
C ILE C 26 -10.09 -22.26 17.76
N MET C 27 -10.18 -21.07 18.34
CA MET C 27 -9.83 -19.82 17.66
C MET C 27 -8.73 -19.10 18.44
N VAL C 28 -7.78 -18.53 17.72
CA VAL C 28 -6.70 -17.74 18.30
C VAL C 28 -6.86 -16.29 17.85
N VAL C 29 -6.81 -15.37 18.80
CA VAL C 29 -7.02 -13.96 18.55
C VAL C 29 -5.87 -13.17 19.16
N GLY C 30 -5.30 -12.26 18.39
CA GLY C 30 -4.19 -11.45 18.83
C GLY C 30 -3.38 -10.96 17.64
N GLN C 31 -2.56 -9.95 17.90
CA GLN C 31 -1.75 -9.37 16.84
C GLN C 31 -0.74 -10.39 16.30
N SER C 32 -0.30 -10.15 15.08
CA SER C 32 0.66 -11.04 14.44
C SER C 32 2.00 -10.98 15.17
N GLY C 33 2.61 -12.15 15.34
CA GLY C 33 3.91 -12.25 15.96
C GLY C 33 3.91 -12.57 17.44
N LEU C 34 2.77 -12.98 18.00
CA LEU C 34 2.68 -13.32 19.42
C LEU C 34 2.84 -14.82 19.68
N GLY C 35 3.19 -15.60 18.66
CA GLY C 35 3.34 -17.03 18.84
C GLY C 35 2.06 -17.82 18.81
N LYS C 36 1.02 -17.31 18.13
CA LYS C 36 -0.27 -17.97 18.13
C LYS C 36 -0.21 -19.31 17.40
N SER C 37 0.38 -19.31 16.20
CA SER C 37 0.48 -20.56 15.44
C SER C 37 1.43 -21.54 16.09
N THR C 38 2.50 -21.03 16.71
CA THR C 38 3.43 -21.90 17.42
C THR C 38 2.76 -22.57 18.61
N LEU C 39 1.91 -21.82 19.34
CA LEU C 39 1.25 -22.40 20.50
C LEU C 39 0.27 -23.49 20.11
N ILE C 40 -0.51 -23.27 19.06
CA ILE C 40 -1.43 -24.30 18.58
C ILE C 40 -0.68 -25.55 18.16
N ASN C 41 0.44 -25.37 17.45
CA ASN C 41 1.23 -26.52 17.01
C ASN C 41 1.95 -27.18 18.17
N THR C 42 2.26 -26.42 19.22
CA THR C 42 2.87 -27.03 20.41
C THR C 42 1.83 -27.80 21.22
N LEU C 43 0.61 -27.27 21.31
CA LEU C 43 -0.44 -27.94 22.07
C LEU C 43 -0.80 -29.29 21.46
N PHE C 44 -0.89 -29.36 20.13
CA PHE C 44 -1.32 -30.57 19.44
C PHE C 44 -0.16 -31.35 18.84
N ALA C 45 1.09 -30.97 19.16
CA ALA C 45 2.29 -31.73 18.78
C ALA C 45 2.33 -32.01 17.27
N SER C 46 1.73 -31.13 16.49
CA SER C 46 1.66 -31.29 15.04
C SER C 46 1.61 -29.91 14.40
N HIS C 47 2.17 -29.81 13.20
CA HIS C 47 2.17 -28.54 12.46
C HIS C 47 0.81 -28.39 11.78
N LEU C 48 -0.13 -27.81 12.53
CA LEU C 48 -1.49 -27.65 12.01
C LEU C 48 -1.62 -26.42 11.12
N ILE C 49 -1.19 -25.25 11.62
CA ILE C 49 -1.37 -24.00 10.91
C ILE C 49 -0.02 -23.30 10.78
N ASP C 50 0.08 -22.43 9.79
CA ASP C 50 1.20 -21.51 9.65
C ASP C 50 0.83 -20.17 10.26
N SER C 51 1.85 -19.35 10.50
CA SER C 51 1.61 -17.98 10.92
C SER C 51 0.78 -17.28 9.86
N ALA C 52 -0.32 -16.66 10.31
CA ALA C 52 -1.30 -16.09 9.37
C ALA C 52 -0.66 -15.09 8.43
N THR C 53 0.42 -14.44 8.84
CA THR C 53 1.14 -13.50 8.00
C THR C 53 2.59 -13.88 7.77
N GLY C 54 3.22 -14.58 8.70
CA GLY C 54 4.64 -14.85 8.57
C GLY C 54 5.44 -13.56 8.70
N ASP C 55 6.58 -13.52 8.02
CA ASP C 55 7.45 -12.35 8.00
C ASP C 55 7.23 -11.49 6.76
N ASP C 56 6.06 -11.60 6.13
CA ASP C 56 5.72 -10.83 4.93
C ASP C 56 4.54 -9.92 5.24
N ILE C 57 4.76 -8.61 5.14
CA ILE C 57 3.68 -7.66 5.41
C ILE C 57 2.65 -7.66 4.30
N SER C 58 3.02 -8.10 3.09
CA SER C 58 2.03 -8.22 2.02
C SER C 58 1.00 -9.30 2.32
N ALA C 59 1.30 -10.23 3.22
CA ALA C 59 0.35 -11.27 3.58
C ALA C 59 -0.82 -10.74 4.41
N LEU C 60 -0.72 -9.52 4.92
CA LEU C 60 -1.84 -8.91 5.63
C LEU C 60 -3.04 -8.78 4.70
N PRO C 61 -4.26 -8.92 5.24
CA PRO C 61 -5.46 -8.84 4.38
C PRO C 61 -5.52 -7.51 3.63
N VAL C 62 -5.78 -7.62 2.32
CA VAL C 62 -5.79 -6.43 1.46
C VAL C 62 -6.90 -5.47 1.85
N THR C 63 -7.97 -5.97 2.45
CA THR C 63 -9.11 -5.14 2.83
C THR C 63 -8.83 -4.23 4.03
N LYS C 64 -7.62 -4.28 4.60
CA LYS C 64 -7.25 -3.48 5.76
C LYS C 64 -8.22 -3.68 6.93
N THR C 65 -8.70 -4.91 7.08
CA THR C 65 -9.54 -5.29 8.20
C THR C 65 -9.30 -6.76 8.53
N THR C 66 -9.94 -7.24 9.59
CA THR C 66 -9.72 -8.60 10.06
C THR C 66 -10.42 -9.61 9.16
N GLU C 67 -9.71 -10.68 8.80
CA GLU C 67 -10.27 -11.78 8.04
C GLU C 67 -10.15 -13.08 8.83
N MET C 68 -11.04 -14.02 8.55
CA MET C 68 -11.02 -15.32 9.18
C MET C 68 -10.19 -16.29 8.36
N LYS C 69 -9.34 -17.06 9.04
CA LYS C 69 -8.52 -18.09 8.40
C LYS C 69 -8.85 -19.41 9.08
N ILE C 70 -9.72 -20.20 8.44
CA ILE C 70 -10.20 -21.46 8.99
C ILE C 70 -9.48 -22.61 8.31
N SER C 71 -8.97 -23.55 9.09
CA SER C 71 -8.37 -24.78 8.59
C SER C 71 -8.88 -25.94 9.44
N THR C 72 -9.01 -27.10 8.80
CA THR C 72 -9.58 -28.28 9.44
C THR C 72 -8.57 -29.42 9.42
N HIS C 73 -8.48 -30.13 10.55
CA HIS C 73 -7.54 -31.22 10.72
C HIS C 73 -8.20 -32.32 11.55
N THR C 74 -7.78 -33.56 11.29
CA THR C 74 -8.30 -34.73 12.00
C THR C 74 -7.13 -35.47 12.64
N LEU C 75 -7.03 -35.39 13.97
CA LEU C 75 -6.05 -36.13 14.74
C LEU C 75 -6.75 -37.27 15.46
N VAL C 76 -6.07 -38.42 15.55
CA VAL C 76 -6.62 -39.60 16.19
C VAL C 76 -5.63 -40.13 17.21
N GLU C 77 -6.14 -40.51 18.38
CA GLU C 77 -5.38 -41.20 19.40
C GLU C 77 -6.17 -42.44 19.81
N ASP C 78 -5.67 -43.61 19.43
CA ASP C 78 -6.37 -44.88 19.61
C ASP C 78 -7.72 -44.86 18.93
N ARG C 79 -8.81 -44.90 19.70
CA ARG C 79 -10.16 -44.87 19.12
C ARG C 79 -10.70 -43.47 18.95
N VAL C 80 -10.12 -42.48 19.63
CA VAL C 80 -10.65 -41.12 19.61
C VAL C 80 -10.13 -40.39 18.37
N ARG C 81 -11.03 -39.98 17.49
CA ARG C 81 -10.71 -39.14 16.33
C ARG C 81 -11.28 -37.76 16.60
N LEU C 82 -10.39 -36.76 16.71
CA LEU C 82 -10.79 -35.40 16.97
C LEU C 82 -10.73 -34.60 15.68
N ASN C 83 -11.79 -33.86 15.38
CA ASN C 83 -11.87 -33.01 14.20
C ASN C 83 -11.76 -31.56 14.66
N ILE C 84 -10.71 -30.88 14.21
CA ILE C 84 -10.36 -29.56 14.73
C ILE C 84 -10.50 -28.53 13.62
N ASN C 85 -11.29 -27.49 13.89
CA ASN C 85 -11.28 -26.27 13.10
C ASN C 85 -10.45 -25.24 13.85
N VAL C 86 -9.27 -24.92 13.31
CA VAL C 86 -8.44 -23.87 13.87
C VAL C 86 -8.75 -22.59 13.11
N ILE C 87 -9.14 -21.54 13.84
CA ILE C 87 -9.54 -20.27 13.26
C ILE C 87 -8.54 -19.21 13.69
N ASP C 88 -7.79 -18.68 12.74
CA ASP C 88 -6.91 -17.56 12.97
C ASP C 88 -7.60 -16.27 12.52
N THR C 89 -7.07 -15.14 12.99
CA THR C 89 -7.66 -13.82 12.74
C THR C 89 -6.59 -12.85 12.25
N PRO C 90 -6.10 -13.03 11.02
CA PRO C 90 -5.11 -12.09 10.49
C PRO C 90 -5.71 -10.70 10.32
N GLY C 91 -4.92 -9.69 10.66
CA GLY C 91 -5.33 -8.31 10.58
C GLY C 91 -5.78 -7.71 11.90
N PHE C 92 -6.01 -8.53 12.92
CA PHE C 92 -6.47 -8.03 14.22
C PHE C 92 -5.37 -7.19 14.86
N GLY C 93 -5.61 -5.89 14.98
CA GLY C 93 -4.65 -4.97 15.55
C GLY C 93 -3.41 -4.73 14.73
N ASP C 94 -3.37 -5.25 13.50
CA ASP C 94 -2.17 -5.18 12.66
C ASP C 94 -2.13 -3.94 11.77
N PHE C 95 -3.18 -3.13 11.76
CA PHE C 95 -3.26 -1.99 10.85
C PHE C 95 -3.15 -0.68 11.62
N ILE C 96 -3.09 0.42 10.86
CA ILE C 96 -3.10 1.74 11.47
C ILE C 96 -4.45 2.02 12.10
N ASP C 97 -5.53 1.73 11.39
CA ASP C 97 -6.89 1.91 11.90
C ASP C 97 -7.44 0.53 12.29
N ASN C 98 -7.72 0.35 13.58
CA ASN C 98 -8.27 -0.89 14.09
C ASN C 98 -9.60 -0.69 14.79
N SER C 99 -10.33 0.39 14.46
CA SER C 99 -11.58 0.70 15.13
C SER C 99 -12.68 -0.31 14.85
N LYS C 100 -12.47 -1.25 13.92
CA LYS C 100 -13.44 -2.29 13.61
C LYS C 100 -12.82 -3.68 13.68
N ALA C 101 -11.76 -3.85 14.47
CA ALA C 101 -10.97 -5.07 14.41
C ALA C 101 -11.74 -6.29 14.90
N TRP C 102 -12.63 -6.11 15.86
CA TRP C 102 -13.36 -7.21 16.48
C TRP C 102 -14.64 -7.59 15.75
N GLU C 103 -15.12 -6.73 14.83
CA GLU C 103 -16.41 -7.00 14.20
C GLU C 103 -16.41 -8.25 13.34
N PRO C 104 -15.42 -8.49 12.46
CA PRO C 104 -15.42 -9.77 11.71
C PRO C 104 -15.29 -10.99 12.59
N ILE C 105 -14.72 -10.85 13.80
CA ILE C 105 -14.61 -11.99 14.70
C ILE C 105 -15.96 -12.29 15.34
N VAL C 106 -16.65 -11.25 15.80
CA VAL C 106 -17.98 -11.44 16.40
C VAL C 106 -18.97 -11.91 15.35
N LYS C 107 -18.85 -11.41 14.12
CA LYS C 107 -19.76 -11.83 13.05
C LYS C 107 -19.61 -13.31 12.75
N TYR C 108 -18.37 -13.83 12.78
CA TYR C 108 -18.17 -15.24 12.52
C TYR C 108 -18.78 -16.11 13.62
N ILE C 109 -18.62 -15.70 14.88
CA ILE C 109 -19.13 -16.51 15.99
C ILE C 109 -20.65 -16.55 15.96
N LYS C 110 -21.30 -15.39 15.83
CA LYS C 110 -22.75 -15.35 15.77
C LYS C 110 -23.28 -16.09 14.54
N GLU C 111 -22.49 -16.15 13.46
CA GLU C 111 -22.92 -16.88 12.28
C GLU C 111 -22.99 -18.38 12.55
N GLN C 112 -22.06 -18.89 13.36
CA GLN C 112 -22.08 -20.33 13.68
C GLN C 112 -23.25 -20.67 14.59
N HIS C 113 -23.59 -19.78 15.53
CA HIS C 113 -24.81 -19.95 16.31
C HIS C 113 -26.04 -19.82 15.42
N SER C 114 -26.07 -18.80 14.57
CA SER C 114 -27.19 -18.62 13.65
C SER C 114 -27.35 -19.82 12.72
N GLN C 115 -26.24 -20.43 12.32
CA GLN C 115 -26.32 -21.62 11.49
C GLN C 115 -26.87 -22.80 12.29
N TYR C 116 -26.44 -22.96 13.54
CA TYR C 116 -26.90 -24.08 14.34
C TYR C 116 -28.37 -23.91 14.72
N LEU C 117 -28.76 -22.68 15.08
CA LEU C 117 -30.17 -22.41 15.38
C LEU C 117 -31.04 -22.65 14.17
N ARG C 118 -30.52 -22.33 12.98
CA ARG C 118 -31.27 -22.55 11.74
C ARG C 118 -31.64 -24.02 11.58
N LYS C 119 -30.68 -24.91 11.82
CA LYS C 119 -30.96 -26.34 11.68
C LYS C 119 -31.88 -26.85 12.78
N GLU C 120 -31.68 -26.37 14.01
CA GLU C 120 -32.45 -26.86 15.15
C GLU C 120 -33.93 -26.49 15.05
N LEU C 121 -34.29 -25.48 14.26
CA LEU C 121 -35.67 -25.04 14.17
C LEU C 121 -36.37 -25.52 12.91
N THR C 122 -35.67 -26.19 12.00
CA THR C 122 -36.32 -26.71 10.81
C THR C 122 -37.29 -27.84 11.18
N ALA C 123 -38.25 -28.08 10.29
CA ALA C 123 -39.32 -29.04 10.59
C ALA C 123 -38.76 -30.45 10.77
N GLN C 124 -38.10 -30.98 9.74
CA GLN C 124 -37.58 -32.34 9.76
C GLN C 124 -36.06 -32.24 9.93
N ARG C 125 -35.64 -32.10 11.19
CA ARG C 125 -34.23 -31.88 11.50
C ARG C 125 -33.37 -33.06 11.05
N GLU C 126 -32.08 -32.78 10.90
CA GLU C 126 -31.08 -33.83 10.76
C GLU C 126 -30.78 -34.45 12.11
N ARG C 127 -30.53 -35.75 12.11
CA ARG C 127 -30.19 -36.44 13.35
C ARG C 127 -28.86 -35.92 13.91
N PHE C 128 -27.88 -35.70 13.05
CA PHE C 128 -26.58 -35.17 13.45
C PHE C 128 -26.40 -33.80 12.83
N ILE C 129 -26.37 -32.77 13.66
CA ILE C 129 -26.11 -31.40 13.22
C ILE C 129 -24.62 -31.15 13.32
N THR C 130 -24.02 -30.67 12.23
CA THR C 130 -22.61 -30.34 12.24
C THR C 130 -22.37 -29.13 13.13
N ASP C 131 -21.43 -29.25 14.07
CA ASP C 131 -21.17 -28.23 15.07
C ASP C 131 -19.95 -27.42 14.64
N THR C 132 -20.20 -26.22 14.11
CA THR C 132 -19.13 -25.29 13.76
C THR C 132 -18.99 -24.15 14.74
N ARG C 133 -19.69 -24.21 15.87
CA ARG C 133 -19.61 -23.15 16.86
C ARG C 133 -18.22 -23.12 17.50
N VAL C 134 -17.79 -21.92 17.88
CA VAL C 134 -16.46 -21.72 18.44
C VAL C 134 -16.47 -22.19 19.89
N HIS C 135 -15.72 -23.25 20.19
CA HIS C 135 -15.74 -23.82 21.52
C HIS C 135 -14.74 -23.16 22.47
N ALA C 136 -13.68 -22.55 21.95
CA ALA C 136 -12.68 -21.93 22.80
C ALA C 136 -11.94 -20.86 22.01
N ILE C 137 -11.78 -19.68 22.61
CA ILE C 137 -10.99 -18.60 22.03
C ILE C 137 -9.76 -18.40 22.90
N LEU C 138 -8.58 -18.62 22.33
CA LEU C 138 -7.33 -18.30 22.99
C LEU C 138 -6.99 -16.85 22.67
N TYR C 139 -7.18 -15.97 23.66
CA TYR C 139 -6.94 -14.55 23.48
C TYR C 139 -5.53 -14.22 23.97
N PHE C 140 -4.70 -13.72 23.07
CA PHE C 140 -3.30 -13.45 23.37
C PHE C 140 -3.13 -12.00 23.81
N LEU C 141 -2.42 -11.80 24.91
CA LEU C 141 -2.11 -10.48 25.45
C LEU C 141 -0.63 -10.19 25.29
N GLN C 142 -0.30 -8.94 24.97
CA GLN C 142 1.09 -8.55 24.88
C GLN C 142 1.70 -8.53 26.28
N PRO C 143 2.86 -9.17 26.49
CA PRO C 143 3.55 -9.18 27.79
C PRO C 143 4.28 -7.87 28.10
N ASN C 144 3.58 -6.75 27.89
CA ASN C 144 4.15 -5.43 28.10
C ASN C 144 3.91 -4.88 29.49
N GLY C 145 3.28 -5.66 30.38
CA GLY C 145 3.04 -5.22 31.73
C GLY C 145 2.06 -4.07 31.87
N LYS C 146 1.36 -3.72 30.81
CA LYS C 146 0.44 -2.59 30.82
C LYS C 146 -1.00 -3.06 31.00
N GLU C 147 -1.84 -2.14 31.44
CA GLU C 147 -3.28 -2.41 31.54
C GLU C 147 -3.86 -2.62 30.15
N LEU C 148 -5.08 -3.16 30.11
CA LEU C 148 -5.71 -3.48 28.84
C LEU C 148 -5.91 -2.22 28.00
N SER C 149 -5.60 -2.34 26.71
CA SER C 149 -5.70 -1.23 25.78
C SER C 149 -7.15 -1.02 25.36
N ARG C 150 -7.39 0.07 24.62
CA ARG C 150 -8.70 0.30 24.03
C ARG C 150 -9.13 -0.89 23.18
N LEU C 151 -8.19 -1.48 22.44
CA LEU C 151 -8.54 -2.57 21.55
C LEU C 151 -8.94 -3.82 22.33
N ASP C 152 -8.17 -4.17 23.36
CA ASP C 152 -8.46 -5.38 24.12
C ASP C 152 -9.80 -5.27 24.84
N VAL C 153 -10.07 -4.12 25.45
CA VAL C 153 -11.32 -3.94 26.19
C VAL C 153 -12.51 -4.06 25.26
N GLU C 154 -12.44 -3.43 24.09
CA GLU C 154 -13.56 -3.50 23.15
C GLU C 154 -13.73 -4.91 22.59
N ALA C 155 -12.61 -5.61 22.35
CA ALA C 155 -12.70 -6.97 21.85
C ALA C 155 -13.19 -7.92 22.93
N LEU C 156 -12.60 -7.84 24.13
CA LEU C 156 -12.95 -8.78 25.19
C LEU C 156 -14.38 -8.56 25.70
N LYS C 157 -14.86 -7.32 25.74
CA LYS C 157 -16.20 -7.07 26.23
C LYS C 157 -17.27 -7.69 25.35
N ARG C 158 -16.93 -8.06 24.13
CA ARG C 158 -17.85 -8.72 23.21
C ARG C 158 -17.56 -10.21 23.04
N LEU C 159 -16.29 -10.60 22.98
CA LEU C 159 -15.95 -12.00 22.76
C LEU C 159 -16.34 -12.87 23.96
N THR C 160 -16.14 -12.36 25.17
CA THR C 160 -16.42 -13.16 26.36
C THR C 160 -17.89 -13.51 26.51
N GLU C 161 -18.78 -12.76 25.86
CA GLU C 161 -20.21 -12.99 26.01
C GLU C 161 -20.76 -14.03 25.06
N ILE C 162 -20.01 -14.42 24.02
CA ILE C 162 -20.50 -15.32 22.99
C ILE C 162 -19.64 -16.57 22.83
N ALA C 163 -18.54 -16.68 23.56
CA ALA C 163 -17.68 -17.85 23.47
C ALA C 163 -16.89 -17.98 24.77
N ASN C 164 -16.17 -19.09 24.87
CA ASN C 164 -15.28 -19.33 26.01
C ASN C 164 -13.92 -18.70 25.71
N VAL C 165 -13.62 -17.60 26.39
CA VAL C 165 -12.36 -16.88 26.20
C VAL C 165 -11.37 -17.35 27.26
N ILE C 166 -10.21 -17.80 26.81
CA ILE C 166 -9.13 -18.22 27.69
C ILE C 166 -7.93 -17.30 27.45
N PRO C 167 -7.73 -16.32 28.32
CA PRO C 167 -6.63 -15.36 28.12
C PRO C 167 -5.28 -16.02 28.29
N VAL C 168 -4.31 -15.55 27.51
CA VAL C 168 -2.97 -16.12 27.47
C VAL C 168 -1.96 -14.99 27.29
N ILE C 169 -0.87 -15.05 28.04
CA ILE C 169 0.25 -14.13 27.86
C ILE C 169 1.19 -14.75 26.84
N GLY C 170 1.11 -14.26 25.59
CA GLY C 170 1.97 -14.79 24.54
C GLY C 170 3.41 -14.33 24.70
N LYS C 171 4.34 -15.23 24.39
CA LYS C 171 5.78 -14.96 24.54
C LYS C 171 6.09 -14.51 25.97
N SER C 172 5.51 -15.22 26.95
CA SER C 172 5.62 -14.81 28.34
C SER C 172 7.03 -14.95 28.91
N ASP C 173 7.97 -15.53 28.17
CA ASP C 173 9.36 -15.52 28.62
C ASP C 173 9.96 -14.11 28.57
N THR C 174 9.24 -13.14 28.01
CA THR C 174 9.64 -11.75 28.12
C THR C 174 9.74 -11.30 29.58
N LEU C 175 8.89 -11.86 30.45
CA LEU C 175 8.78 -11.43 31.83
C LEU C 175 9.64 -12.28 32.74
N THR C 176 10.29 -11.63 33.70
CA THR C 176 10.81 -12.34 34.84
C THR C 176 9.65 -12.81 35.72
N LEU C 177 9.96 -13.68 36.68
CA LEU C 177 8.91 -14.20 37.56
C LEU C 177 8.24 -13.07 38.35
N ASP C 178 9.00 -12.03 38.72
CA ASP C 178 8.40 -10.89 39.39
C ASP C 178 7.46 -10.13 38.46
N GLU C 179 7.92 -9.85 37.22
CA GLU C 179 7.06 -9.20 36.24
C GLU C 179 5.87 -10.08 35.88
N ARG C 180 6.06 -11.40 35.91
CA ARG C 180 4.97 -12.32 35.59
C ARG C 180 3.86 -12.24 36.63
N THR C 181 4.22 -12.23 37.91
CA THR C 181 3.22 -12.15 38.97
C THR C 181 2.51 -10.80 38.98
N GLU C 182 3.26 -9.72 38.76
CA GLU C 182 2.67 -8.39 38.80
C GLU C 182 1.76 -8.14 37.60
N PHE C 183 2.16 -8.65 36.43
CA PHE C 183 1.33 -8.46 35.24
C PHE C 183 0.08 -9.32 35.29
N ARG C 184 0.21 -10.58 35.74
CA ARG C 184 -0.96 -11.45 35.88
C ARG C 184 -1.93 -10.91 36.91
N GLU C 185 -1.41 -10.35 38.01
CA GLU C 185 -2.27 -9.75 39.02
C GLU C 185 -3.02 -8.54 38.46
N LEU C 186 -2.34 -7.71 37.68
CA LEU C 186 -2.97 -6.54 37.08
C LEU C 186 -4.06 -6.95 36.11
N ILE C 187 -3.79 -7.95 35.28
CA ILE C 187 -4.76 -8.35 34.25
C ILE C 187 -6.01 -8.95 34.88
N GLN C 188 -5.84 -9.75 35.93
CA GLN C 188 -6.99 -10.32 36.62
C GLN C 188 -7.87 -9.22 37.24
N ASN C 189 -7.25 -8.12 37.67
CA ASN C 189 -8.03 -7.00 38.17
C ASN C 189 -8.77 -6.28 37.06
N GLU C 190 -8.18 -6.24 35.85
CA GLU C 190 -8.87 -5.62 34.72
C GLU C 190 -10.07 -6.45 34.28
N PHE C 191 -9.99 -7.78 34.37
CA PHE C 191 -11.14 -8.62 34.05
C PHE C 191 -12.31 -8.29 34.96
N GLU C 192 -12.05 -8.02 36.23
CA GLU C 192 -13.10 -7.72 37.19
C GLU C 192 -13.44 -6.23 37.22
N LYS C 193 -12.51 -5.38 36.79
CA LYS C 193 -12.83 -3.97 36.61
C LYS C 193 -13.89 -3.80 35.52
N TYR C 194 -13.77 -4.56 34.43
CA TYR C 194 -14.71 -4.50 33.33
C TYR C 194 -15.76 -5.60 33.37
N ASN C 195 -15.74 -6.46 34.39
CA ASN C 195 -16.75 -7.51 34.60
C ASN C 195 -16.80 -8.48 33.41
N PHE C 196 -15.65 -9.05 33.07
CA PHE C 196 -15.55 -10.00 31.97
C PHE C 196 -15.84 -11.42 32.45
N LYS C 197 -16.54 -12.18 31.62
CA LYS C 197 -16.82 -13.59 31.90
C LYS C 197 -15.66 -14.40 31.32
N ILE C 198 -14.72 -14.76 32.17
CA ILE C 198 -13.49 -15.46 31.77
C ILE C 198 -13.63 -16.93 32.12
N TYR C 199 -13.37 -17.79 31.14
CA TYR C 199 -13.39 -19.23 31.37
C TYR C 199 -12.24 -19.63 32.28
N PRO C 200 -12.44 -20.63 33.16
CA PRO C 200 -13.62 -21.48 33.34
C PRO C 200 -14.70 -20.89 34.25
N TYR C 201 -15.94 -21.30 34.03
CA TYR C 201 -17.06 -20.88 34.85
C TYR C 201 -17.37 -21.93 35.91
N ASP C 202 -17.88 -21.46 37.05
CA ASP C 202 -18.33 -22.33 38.12
C ASP C 202 -19.85 -22.47 38.03
N SER C 203 -20.33 -23.69 37.81
CA SER C 203 -21.75 -23.99 37.81
C SER C 203 -22.11 -24.80 39.06
N GLU C 204 -23.39 -24.76 39.42
CA GLU C 204 -23.83 -25.48 40.61
C GLU C 204 -23.71 -26.99 40.44
N GLU C 205 -23.61 -27.48 39.21
CA GLU C 205 -23.40 -28.91 38.96
C GLU C 205 -22.01 -29.38 39.40
N LEU C 206 -21.10 -28.47 39.72
CA LEU C 206 -19.75 -28.85 40.10
C LEU C 206 -19.71 -29.36 41.53
N THR C 207 -18.75 -30.24 41.80
CA THR C 207 -18.46 -30.71 43.15
C THR C 207 -17.42 -29.79 43.78
N ASP C 208 -17.01 -30.12 45.01
CA ASP C 208 -16.10 -29.25 45.74
C ASP C 208 -14.69 -29.30 45.15
N GLU C 209 -14.15 -30.50 44.96
CA GLU C 209 -12.79 -30.61 44.42
C GLU C 209 -12.72 -30.09 43.00
N GLU C 210 -13.82 -30.16 42.25
CA GLU C 210 -13.85 -29.52 40.93
C GLU C 210 -13.84 -28.01 41.08
N LEU C 211 -14.57 -27.48 42.06
CA LEU C 211 -14.54 -26.05 42.32
C LEU C 211 -13.14 -25.59 42.70
N GLU C 212 -12.40 -26.40 43.47
CA GLU C 212 -11.04 -26.03 43.84
C GLU C 212 -10.11 -26.10 42.64
N LEU C 213 -10.31 -27.09 41.77
CA LEU C 213 -9.51 -27.17 40.55
C LEU C 213 -9.73 -25.93 39.67
N ASN C 214 -10.99 -25.50 39.54
CA ASN C 214 -11.26 -24.25 38.83
C ASN C 214 -10.60 -23.08 39.52
N ARG C 215 -10.66 -23.04 40.85
CA ARG C 215 -9.98 -22.01 41.62
C ARG C 215 -8.48 -22.00 41.33
N SER C 216 -7.86 -23.18 41.33
CA SER C 216 -6.42 -23.26 41.15
C SER C 216 -6.01 -22.81 39.75
N VAL C 217 -6.69 -23.33 38.72
CA VAL C 217 -6.32 -22.98 37.35
C VAL C 217 -6.67 -21.52 37.06
N ARG C 218 -7.72 -20.99 37.69
CA ARG C 218 -8.09 -19.60 37.49
C ARG C 218 -7.01 -18.65 37.98
N SER C 219 -6.25 -19.06 39.01
CA SER C 219 -5.25 -18.19 39.60
C SER C 219 -4.05 -17.94 38.67
N ILE C 220 -3.80 -18.83 37.72
CA ILE C 220 -2.68 -18.69 36.79
C ILE C 220 -3.14 -18.23 35.41
N ILE C 221 -4.37 -17.77 35.29
CA ILE C 221 -4.90 -17.26 34.03
C ILE C 221 -4.84 -15.74 34.08
N PRO C 222 -4.29 -15.06 33.05
CA PRO C 222 -3.79 -15.58 31.77
C PRO C 222 -2.57 -16.50 31.90
N PHE C 223 -2.58 -17.62 31.18
CA PHE C 223 -1.46 -18.55 31.23
C PHE C 223 -0.19 -17.90 30.72
N ALA C 224 0.93 -18.26 31.32
CA ALA C 224 2.24 -17.76 30.91
C ALA C 224 2.92 -18.85 30.09
N VAL C 225 2.54 -18.93 28.83
CA VAL C 225 2.96 -20.01 27.96
C VAL C 225 4.21 -19.60 27.20
N VAL C 226 5.01 -20.61 26.86
CA VAL C 226 6.10 -20.48 25.90
C VAL C 226 5.87 -21.52 24.81
N GLY C 227 5.98 -21.10 23.56
CA GLY C 227 5.69 -21.96 22.42
C GLY C 227 6.96 -22.39 21.70
N SER C 228 7.01 -23.65 21.29
CA SER C 228 8.13 -24.16 20.50
C SER C 228 7.79 -25.50 19.86
N GLU C 229 8.04 -25.64 18.56
CA GLU C 229 7.91 -26.92 17.89
C GLU C 229 9.24 -27.66 17.75
N ASN C 230 10.36 -26.95 17.88
CA ASN C 230 11.67 -27.51 17.63
C ASN C 230 12.28 -28.09 18.90
N GLU C 231 12.97 -29.22 18.76
CA GLU C 231 13.69 -29.80 19.87
C GLU C 231 15.06 -29.16 20.02
N ILE C 232 15.50 -29.01 21.26
CA ILE C 232 16.85 -28.55 21.56
C ILE C 232 17.50 -29.58 22.47
N GLU C 233 18.81 -29.71 22.34
CA GLU C 233 19.60 -30.59 23.20
C GLU C 233 20.50 -29.75 24.09
N ILE C 234 20.25 -29.81 25.39
CA ILE C 234 21.05 -29.12 26.39
C ILE C 234 21.36 -30.09 27.51
N ASN C 235 22.64 -30.16 27.92
CA ASN C 235 23.08 -31.03 29.02
C ASN C 235 22.78 -32.49 28.75
N GLY C 236 22.87 -32.91 27.50
CA GLY C 236 22.53 -34.27 27.13
C GLY C 236 21.05 -34.56 27.03
N GLU C 237 20.19 -33.69 27.57
CA GLU C 237 18.75 -33.88 27.50
C GLU C 237 18.18 -33.22 26.24
N THR C 238 17.13 -33.82 25.70
CA THR C 238 16.44 -33.32 24.51
C THR C 238 14.98 -33.10 24.84
N PHE C 239 14.54 -31.85 24.70
CA PHE C 239 13.13 -31.51 24.77
C PHE C 239 12.88 -30.41 23.75
N ARG C 240 11.61 -30.13 23.51
CA ARG C 240 11.24 -29.02 22.64
C ARG C 240 11.26 -27.73 23.44
N GLY C 241 11.98 -26.73 22.94
CA GLY C 241 12.11 -25.48 23.64
C GLY C 241 12.89 -24.49 22.80
N ARG C 242 13.58 -23.56 23.47
CA ARG C 242 14.28 -22.48 22.80
C ARG C 242 15.68 -22.32 23.37
N LYS C 243 16.66 -22.18 22.49
CA LYS C 243 18.07 -22.08 22.86
C LYS C 243 18.65 -20.82 22.23
N THR C 244 19.15 -19.91 23.06
CA THR C 244 19.74 -18.66 22.60
C THR C 244 21.15 -18.52 23.16
N ARG C 245 21.78 -17.39 22.83
CA ARG C 245 23.14 -17.11 23.28
C ARG C 245 23.23 -17.01 24.80
N TRP C 246 22.10 -16.82 25.49
CA TRP C 246 22.10 -16.63 26.93
C TRP C 246 21.09 -17.47 27.67
N SER C 247 20.18 -18.17 26.98
CA SER C 247 19.06 -18.82 27.64
C SER C 247 18.80 -20.19 27.04
N ALA C 248 18.06 -20.99 27.79
CA ALA C 248 17.60 -22.31 27.34
C ALA C 248 16.27 -22.57 28.02
N ILE C 249 15.20 -22.62 27.24
CA ILE C 249 13.84 -22.75 27.74
C ILE C 249 13.34 -24.17 27.47
N ASN C 250 12.76 -24.79 28.50
CA ASN C 250 12.06 -26.05 28.34
C ASN C 250 10.57 -25.78 28.39
N VAL C 251 9.86 -26.14 27.31
CA VAL C 251 8.44 -25.81 27.22
C VAL C 251 7.63 -26.63 28.23
N GLU C 252 8.07 -27.85 28.53
CA GLU C 252 7.34 -28.73 29.42
C GLU C 252 7.82 -28.68 30.86
N ASP C 253 8.63 -27.68 31.21
CA ASP C 253 9.04 -27.46 32.59
C ASP C 253 8.07 -26.47 33.23
N ILE C 254 7.33 -26.92 34.24
CA ILE C 254 6.37 -26.04 34.90
C ILE C 254 7.08 -24.95 35.68
N ASN C 255 8.33 -25.19 36.08
CA ASN C 255 9.11 -24.17 36.77
C ASN C 255 9.43 -22.98 35.88
N GLN C 256 9.22 -23.10 34.57
CA GLN C 256 9.56 -22.04 33.62
C GLN C 256 8.35 -21.37 33.01
N CYS C 257 7.40 -22.13 32.46
CA CYS C 257 6.22 -21.56 31.83
C CYS C 257 5.00 -22.42 32.18
N ASP C 258 3.83 -21.95 31.74
CA ASP C 258 2.55 -22.57 32.06
C ASP C 258 1.99 -23.38 30.90
N PHE C 259 2.82 -23.80 29.95
CA PHE C 259 2.32 -24.55 28.80
C PHE C 259 1.70 -25.88 29.23
N VAL C 260 2.32 -26.54 30.20
CA VAL C 260 1.80 -27.83 30.67
C VAL C 260 0.43 -27.65 31.31
N TYR C 261 0.26 -26.58 32.10
CA TYR C 261 -1.04 -26.34 32.72
C TYR C 261 -2.11 -26.04 31.68
N LEU C 262 -1.75 -25.31 30.62
CA LEU C 262 -2.71 -25.00 29.57
C LEU C 262 -3.13 -26.26 28.82
N ARG C 263 -2.17 -27.14 28.52
CA ARG C 263 -2.50 -28.38 27.81
C ARG C 263 -3.41 -29.27 28.66
N GLU C 264 -3.05 -29.46 29.93
CA GLU C 264 -3.90 -30.21 30.84
C GLU C 264 -5.28 -29.57 30.95
N PHE C 265 -5.33 -28.24 31.00
CA PHE C 265 -6.59 -27.53 31.13
C PHE C 265 -7.41 -27.62 29.85
N LEU C 266 -6.84 -27.17 28.74
CA LEU C 266 -7.60 -27.01 27.50
C LEU C 266 -8.03 -28.35 26.91
N ILE C 267 -7.26 -29.42 27.13
CA ILE C 267 -7.41 -30.66 26.40
C ILE C 267 -7.71 -31.84 27.32
N ARG C 268 -7.09 -31.89 28.49
CA ARG C 268 -7.17 -33.11 29.29
C ARG C 268 -8.18 -33.05 30.44
N THR C 269 -8.67 -31.87 30.81
CA THR C 269 -9.62 -31.79 31.92
C THR C 269 -10.88 -31.02 31.54
N HIS C 270 -10.77 -30.08 30.60
CA HIS C 270 -11.88 -29.20 30.25
C HIS C 270 -12.25 -29.25 28.78
N LEU C 271 -11.81 -30.28 28.06
CA LEU C 271 -12.14 -30.37 26.63
C LEU C 271 -13.64 -30.55 26.43
N GLN C 272 -14.25 -31.49 27.15
CA GLN C 272 -15.68 -31.71 27.02
C GLN C 272 -16.47 -30.55 27.62
N ASP C 273 -16.01 -30.01 28.75
CA ASP C 273 -16.71 -28.90 29.38
C ASP C 273 -16.74 -27.68 28.47
N LEU C 274 -15.62 -27.39 27.79
CA LEU C 274 -15.58 -26.30 26.82
C LEU C 274 -16.63 -26.50 25.73
N ILE C 275 -16.74 -27.73 25.22
CA ILE C 275 -17.70 -28.02 24.17
C ILE C 275 -19.12 -27.87 24.69
N GLU C 276 -19.37 -28.31 25.93
CA GLU C 276 -20.71 -28.28 26.48
C GLU C 276 -21.15 -26.84 26.79
N THR C 277 -20.28 -26.06 27.45
CA THR C 277 -20.64 -24.70 27.80
C THR C 277 -20.90 -23.84 26.58
N THR C 278 -20.24 -24.15 25.46
CA THR C 278 -20.59 -23.51 24.20
C THR C 278 -22.05 -23.74 23.85
N SER C 279 -22.60 -24.90 24.22
CA SER C 279 -23.99 -25.22 23.94
C SER C 279 -24.94 -24.65 25.00
N TYR C 280 -24.78 -25.06 26.27
CA TYR C 280 -25.80 -24.75 27.26
C TYR C 280 -25.65 -23.35 27.88
N ILE C 281 -24.63 -22.59 27.50
CA ILE C 281 -24.48 -21.21 27.98
C ILE C 281 -24.48 -20.23 26.81
N HIS C 282 -23.58 -20.42 25.85
CA HIS C 282 -23.41 -19.43 24.80
C HIS C 282 -24.46 -19.60 23.69
N TYR C 283 -24.66 -20.82 23.22
CA TYR C 283 -25.68 -21.03 22.20
C TYR C 283 -27.08 -20.83 22.76
N GLU C 284 -27.31 -21.29 24.00
CA GLU C 284 -28.62 -21.09 24.62
C GLU C 284 -28.94 -19.61 24.74
N GLY C 285 -27.97 -18.82 25.23
CA GLY C 285 -28.18 -17.38 25.32
C GLY C 285 -28.47 -16.76 23.97
N PHE C 286 -27.80 -17.23 22.93
CA PHE C 286 -28.07 -16.74 21.58
C PHE C 286 -29.50 -17.08 21.16
N ARG C 287 -29.85 -18.36 21.20
CA ARG C 287 -31.18 -18.80 20.79
C ARG C 287 -32.26 -18.11 21.61
N ALA C 288 -32.04 -17.97 22.92
CA ALA C 288 -33.04 -17.33 23.78
C ALA C 288 -33.26 -15.88 23.37
N ARG C 289 -32.18 -15.14 23.11
CA ARG C 289 -32.32 -13.75 22.69
C ARG C 289 -32.96 -13.64 21.31
N GLN C 290 -32.70 -14.61 20.43
CA GLN C 290 -33.33 -14.58 19.11
C GLN C 290 -34.83 -14.80 19.20
N LEU C 291 -35.26 -15.71 20.09
CA LEU C 291 -36.66 -16.11 20.11
C LEU C 291 -37.55 -15.02 20.69
N ILE C 292 -37.15 -14.42 21.82
CA ILE C 292 -37.99 -13.39 22.45
C ILE C 292 -37.99 -12.10 21.67
N ALA C 293 -37.12 -11.96 20.67
CA ALA C 293 -37.11 -10.76 19.83
C ALA C 293 -37.89 -11.01 18.55
N PRO D 14 26.50 23.29 26.16
CA PRO D 14 26.67 21.96 25.59
C PRO D 14 25.41 21.14 25.87
N SER D 15 24.81 20.57 24.83
CA SER D 15 23.50 19.90 25.02
C SER D 15 23.38 18.66 24.15
N PHE D 16 22.39 17.84 24.46
CA PHE D 16 22.10 16.65 23.67
C PHE D 16 20.64 16.26 23.89
N ASN D 17 19.88 16.17 22.81
CA ASN D 17 18.45 15.95 22.86
C ASN D 17 18.10 14.64 22.17
N LEU D 18 17.35 13.78 22.86
CA LEU D 18 17.09 12.42 22.43
C LEU D 18 15.58 12.16 22.48
N LEU D 19 15.02 11.70 21.37
CA LEU D 19 13.60 11.40 21.27
C LEU D 19 13.39 9.89 21.29
N CYS D 20 12.46 9.43 22.13
CA CYS D 20 12.13 8.02 22.25
C CYS D 20 10.70 7.81 21.79
N VAL D 21 10.53 7.05 20.72
CA VAL D 21 9.21 6.75 20.16
C VAL D 21 8.99 5.25 20.23
N GLY D 22 7.90 4.85 20.85
CA GLY D 22 7.54 3.46 20.98
C GLY D 22 6.29 3.30 21.81
N PRO D 23 5.65 2.13 21.70
CA PRO D 23 4.46 1.88 22.52
C PRO D 23 4.83 1.74 23.99
N ASP D 24 3.84 2.00 24.84
CA ASP D 24 4.05 1.93 26.28
C ASP D 24 4.38 0.50 26.70
N GLY D 25 5.33 0.38 27.62
CA GLY D 25 5.77 -0.93 28.07
C GLY D 25 6.77 -1.62 27.16
N ILE D 26 7.22 -0.94 26.10
CA ILE D 26 8.22 -1.51 25.20
C ILE D 26 9.62 -1.47 25.79
N GLY D 27 9.84 -0.67 26.83
CA GLY D 27 11.12 -0.57 27.48
C GLY D 27 11.85 0.76 27.32
N LYS D 28 11.13 1.84 27.00
CA LYS D 28 11.79 3.12 26.76
C LYS D 28 12.43 3.66 28.03
N THR D 29 11.70 3.61 29.14
CA THR D 29 12.21 4.14 30.41
C THR D 29 13.45 3.38 30.86
N THR D 30 13.45 2.05 30.69
CA THR D 30 14.56 1.25 31.20
C THR D 30 15.81 1.43 30.35
N LEU D 31 15.65 1.60 29.03
CA LEU D 31 16.81 1.81 28.17
C LEU D 31 17.49 3.14 28.47
N MET D 32 16.73 4.15 28.87
CA MET D 32 17.33 5.45 29.18
C MET D 32 18.12 5.37 30.48
N LYS D 33 17.57 4.68 31.49
CA LYS D 33 18.34 4.45 32.71
C LYS D 33 19.60 3.66 32.42
N THR D 34 19.53 2.72 31.48
CA THR D 34 20.68 1.87 31.20
C THR D 34 21.73 2.62 30.38
N LEU D 35 21.28 3.43 29.42
CA LEU D 35 22.23 4.17 28.57
C LEU D 35 23.03 5.18 29.38
N PHE D 36 22.34 6.02 30.15
CA PHE D 36 23.00 7.08 30.91
C PHE D 36 23.35 6.66 32.33
N ASN D 37 23.15 5.39 32.69
CA ASN D 37 23.56 4.82 33.96
C ASN D 37 23.05 5.66 35.13
N ASN D 38 21.78 6.05 35.05
CA ASN D 38 21.19 6.98 36.01
C ASN D 38 19.71 6.65 36.16
N ASP D 39 19.29 6.38 37.38
CA ASP D 39 17.88 6.11 37.68
C ASP D 39 17.07 7.38 37.94
N ASP D 40 17.69 8.54 37.79
CA ASP D 40 17.00 9.82 37.96
C ASP D 40 16.83 10.55 36.64
N ILE D 41 17.04 9.86 35.51
CA ILE D 41 16.89 10.48 34.19
C ILE D 41 15.47 11.02 34.02
N GLU D 42 14.47 10.34 34.58
CA GLU D 42 13.09 10.77 34.53
C GLU D 42 12.57 11.25 35.88
N ALA D 43 13.46 11.79 36.71
CA ALA D 43 13.07 12.38 37.98
C ALA D 43 12.77 13.87 37.86
N ASN D 44 12.77 14.41 36.64
CA ASN D 44 12.60 15.86 36.39
C ASN D 44 11.72 16.02 35.15
N LEU D 45 10.41 15.99 35.35
CA LEU D 45 9.46 16.21 34.26
C LEU D 45 9.21 17.70 34.11
N VAL D 46 9.76 18.29 33.05
CA VAL D 46 9.65 19.72 32.83
C VAL D 46 8.40 20.06 32.02
N HIS D 76 -7.02 11.19 22.85
CA HIS D 76 -7.21 11.22 21.41
C HIS D 76 -5.88 11.17 20.67
N LYS D 77 -4.88 11.85 21.23
CA LYS D 77 -3.56 11.94 20.60
C LYS D 77 -2.47 11.71 21.63
N VAL D 78 -1.27 11.42 21.12
CA VAL D 78 -0.13 11.06 21.97
C VAL D 78 0.29 12.26 22.82
N LYS D 79 0.75 11.96 24.04
CA LYS D 79 1.32 12.97 24.92
C LYS D 79 2.84 12.88 24.92
N ILE D 80 3.49 14.01 25.16
CA ILE D 80 4.93 14.15 25.07
C ILE D 80 5.48 14.43 26.46
N LYS D 81 6.40 13.59 26.90
CA LYS D 81 7.07 13.75 28.18
C LYS D 81 8.50 14.23 27.94
N SER D 82 8.85 15.37 28.53
CA SER D 82 10.17 15.96 28.38
C SER D 82 10.91 15.86 29.71
N TYR D 83 12.09 15.26 29.69
CA TYR D 83 12.90 15.09 30.88
C TYR D 83 14.25 15.77 30.66
N GLU D 84 14.69 16.54 31.65
CA GLU D 84 15.93 17.31 31.55
C GLU D 84 16.86 16.89 32.68
N SER D 85 18.05 16.41 32.31
CA SER D 85 19.06 16.00 33.27
C SER D 85 20.38 16.65 32.92
N VAL D 86 21.27 16.70 33.90
CA VAL D 86 22.62 17.22 33.72
C VAL D 86 23.58 16.04 33.84
N ILE D 87 24.07 15.57 32.70
CA ILE D 87 24.98 14.42 32.67
C ILE D 87 26.36 14.90 32.27
N GLU D 88 27.37 14.12 32.67
CA GLU D 88 28.77 14.42 32.38
C GLU D 88 29.39 13.19 31.72
N GLU D 89 29.66 13.28 30.42
CA GLU D 89 30.38 12.26 29.68
C GLU D 89 31.66 12.87 29.14
N ASN D 90 32.78 12.17 29.32
CA ASN D 90 34.10 12.67 28.95
C ASN D 90 34.40 13.97 29.69
N GLY D 91 34.03 14.02 30.97
CA GLY D 91 34.37 15.15 31.83
C GLY D 91 33.47 16.37 31.68
N VAL D 92 33.04 16.66 30.46
CA VAL D 92 32.29 17.88 30.20
C VAL D 92 30.85 17.72 30.70
N LYS D 93 30.28 18.81 31.18
CA LYS D 93 28.89 18.84 31.60
C LYS D 93 28.00 18.99 30.37
N LEU D 94 27.06 18.06 30.20
CA LEU D 94 26.16 18.05 29.06
C LEU D 94 24.72 18.11 29.54
N ASN D 95 23.97 19.06 29.03
CA ASN D 95 22.56 19.23 29.37
C ASN D 95 21.73 18.28 28.53
N LEU D 96 21.21 17.22 29.16
CA LEU D 96 20.47 16.19 28.45
C LEU D 96 18.98 16.47 28.48
N ASN D 97 18.32 16.26 27.35
CA ASN D 97 16.87 16.35 27.24
C ASN D 97 16.37 15.10 26.52
N VAL D 98 15.65 14.25 27.25
CA VAL D 98 15.06 13.04 26.69
C VAL D 98 13.55 13.28 26.55
N ILE D 99 13.02 13.04 25.36
CA ILE D 99 11.61 13.26 25.06
C ILE D 99 10.95 11.91 24.87
N ASP D 100 9.87 11.67 25.61
CA ASP D 100 9.17 10.39 25.60
C ASP D 100 7.75 10.57 25.07
N THR D 101 7.14 9.46 24.70
CA THR D 101 5.77 9.43 24.20
C THR D 101 4.91 8.59 25.13
N GLU D 102 3.67 9.03 25.32
CA GLU D 102 2.67 8.28 26.08
C GLU D 102 1.51 7.95 25.16
N GLY D 103 1.21 6.65 25.03
CA GLY D 103 0.07 6.21 24.28
C GLY D 103 0.28 5.97 22.80
N PHE D 104 1.53 6.00 22.32
CA PHE D 104 1.77 5.75 20.90
C PHE D 104 1.41 4.32 20.55
N GLY D 105 0.66 4.16 19.46
CA GLY D 105 0.20 2.87 19.02
C GLY D 105 -0.92 2.26 19.83
N ASP D 106 -1.42 2.97 20.85
CA ASP D 106 -2.42 2.43 21.76
C ASP D 106 -3.84 2.87 21.45
N PHE D 107 -4.04 3.76 20.47
CA PHE D 107 -5.39 4.14 20.07
C PHE D 107 -5.91 3.15 19.03
N LEU D 108 -7.25 3.12 18.91
CA LEU D 108 -7.86 2.28 17.89
C LEU D 108 -7.45 2.73 16.49
N ASN D 109 -7.30 4.03 16.30
CA ASN D 109 -6.87 4.61 15.02
C ASN D 109 -5.56 5.35 15.26
N ASN D 110 -4.45 4.69 14.94
CA ASN D 110 -3.13 5.29 15.09
C ASN D 110 -2.67 5.94 13.79
N ASP D 111 -3.50 6.81 13.23
CA ASP D 111 -3.14 7.53 12.02
C ASP D 111 -2.25 8.71 12.37
N GLN D 112 -1.92 9.51 11.36
CA GLN D 112 -1.03 10.65 11.57
C GLN D 112 -1.61 11.62 12.61
N LYS D 113 -2.93 11.68 12.73
CA LYS D 113 -3.55 12.57 13.70
C LYS D 113 -3.13 12.21 15.13
N SER D 114 -2.95 10.92 15.41
CA SER D 114 -2.66 10.49 16.77
C SER D 114 -1.25 10.84 17.20
N TRP D 115 -0.25 10.57 16.35
CA TRP D 115 1.13 10.81 16.69
C TRP D 115 1.67 12.11 16.08
N ASP D 116 0.80 13.00 15.61
CA ASP D 116 1.27 14.29 15.12
C ASP D 116 1.96 15.15 16.17
N PRO D 117 1.57 15.15 17.45
CA PRO D 117 2.35 15.90 18.44
C PRO D 117 3.84 15.59 18.43
N ILE D 118 4.23 14.36 18.07
CA ILE D 118 5.65 14.03 17.99
C ILE D 118 6.36 14.89 16.94
N ILE D 119 5.83 14.89 15.71
CA ILE D 119 6.36 15.70 14.62
C ILE D 119 6.42 17.19 14.97
N LYS D 120 5.53 17.69 15.84
CA LYS D 120 5.56 19.12 16.18
C LYS D 120 6.60 19.45 17.24
N GLU D 121 6.87 18.53 18.16
CA GLU D 121 7.95 18.71 19.11
C GLU D 121 9.26 18.82 18.36
N ILE D 122 9.39 18.05 17.27
CA ILE D 122 10.52 18.19 16.38
C ILE D 122 10.46 19.54 15.68
N ASP D 123 9.30 19.87 15.10
CA ASP D 123 9.18 21.12 14.36
C ASP D 123 9.32 22.33 15.27
N SER D 124 8.87 22.22 16.52
CA SER D 124 8.98 23.33 17.47
C SER D 124 10.43 23.69 17.73
N ARG D 125 11.26 22.69 18.00
CA ARG D 125 12.66 22.95 18.31
C ARG D 125 13.42 23.47 17.09
N PHE D 126 12.99 23.08 15.89
CA PHE D 126 13.52 23.70 14.68
C PHE D 126 13.10 25.16 14.58
N ASP D 127 11.91 25.50 15.07
CA ASP D 127 11.39 26.85 14.92
C ASP D 127 11.99 27.84 15.90
N GLN D 128 12.57 27.38 17.01
CA GLN D 128 13.32 28.26 17.88
C GLN D 128 14.50 28.88 17.13
N TYR D 129 15.36 28.02 16.59
CA TYR D 129 16.51 28.49 15.81
C TYR D 129 16.07 29.26 14.58
N LEU D 130 14.93 28.90 14.00
CA LEU D 130 14.47 29.56 12.78
C LEU D 130 13.92 30.95 13.07
N ASP D 131 13.13 31.11 14.13
CA ASP D 131 12.58 32.42 14.46
C ASP D 131 13.58 33.33 15.15
N ALA D 132 14.70 32.77 15.65
CA ALA D 132 15.77 33.58 16.20
C ALA D 132 16.67 34.17 15.13
N GLU D 133 16.69 33.58 13.93
CA GLU D 133 17.58 34.04 12.88
C GLU D 133 17.04 35.24 12.11
N ASN D 134 15.78 35.60 12.29
CA ASN D 134 15.22 36.81 11.68
C ASN D 134 14.90 37.90 12.71
N LYS D 135 15.58 37.86 13.86
CA LYS D 135 15.53 38.98 14.79
C LYS D 135 16.65 39.96 14.47
N ILE D 136 16.44 41.22 14.86
CA ILE D 136 17.44 42.25 14.57
C ILE D 136 18.68 42.04 15.43
N ASN D 137 18.50 41.62 16.67
CA ASN D 137 19.60 41.31 17.58
C ASN D 137 19.58 39.82 17.86
N ARG D 138 20.34 39.06 17.07
CA ARG D 138 20.44 37.62 17.25
C ARG D 138 21.44 37.30 18.35
N HIS D 139 21.00 36.55 19.35
CA HIS D 139 21.83 36.13 20.47
C HIS D 139 21.85 34.61 20.54
N SER D 140 22.87 34.09 21.24
CA SER D 140 23.11 32.65 21.28
C SER D 140 21.87 31.90 21.75
N ILE D 141 21.47 30.90 20.97
CA ILE D 141 20.29 30.10 21.25
C ILE D 141 20.72 28.82 21.95
N ASN D 142 20.11 28.53 23.09
CA ASN D 142 20.26 27.23 23.70
C ASN D 142 19.64 26.17 22.78
N ASP D 143 20.45 25.22 22.35
CA ASP D 143 20.05 24.27 21.32
C ASP D 143 19.20 23.16 21.93
N LYS D 144 17.95 23.06 21.48
CA LYS D 144 17.06 21.99 21.92
C LYS D 144 16.60 21.10 20.77
N ARG D 145 17.15 21.28 19.58
CA ARG D 145 16.75 20.47 18.43
C ARG D 145 17.02 19.00 18.70
N ILE D 146 16.10 18.15 18.24
CA ILE D 146 16.18 16.71 18.48
C ILE D 146 17.36 16.14 17.69
N HIS D 147 18.33 15.58 18.39
CA HIS D 147 19.55 15.08 17.76
C HIS D 147 19.45 13.62 17.33
N ALA D 148 18.53 12.84 17.90
CA ALA D 148 18.40 11.44 17.53
C ALA D 148 17.02 10.95 17.93
N CYS D 149 16.43 10.11 17.09
CA CYS D 149 15.14 9.49 17.35
C CYS D 149 15.33 7.98 17.46
N LEU D 150 15.25 7.47 18.68
CA LEU D 150 15.27 6.03 18.92
C LEU D 150 13.88 5.48 18.68
N TYR D 151 13.72 4.65 17.65
CA TYR D 151 12.43 4.01 17.38
C TYR D 151 12.47 2.59 17.90
N PHE D 152 11.52 2.25 18.76
CA PHE D 152 11.48 0.95 19.41
C PHE D 152 10.54 0.04 18.63
N ILE D 153 11.09 -1.04 18.09
CA ILE D 153 10.34 -2.02 17.31
C ILE D 153 9.98 -3.18 18.22
N GLU D 154 8.73 -3.61 18.17
CA GLU D 154 8.31 -4.76 18.96
C GLU D 154 9.00 -6.02 18.42
N PRO D 155 9.47 -6.91 19.33
CA PRO D 155 10.19 -8.12 18.90
C PRO D 155 9.27 -9.23 18.39
N THR D 156 8.44 -8.90 17.39
CA THR D 156 7.57 -9.91 16.78
C THR D 156 8.36 -10.94 16.01
N GLY D 157 9.56 -10.62 15.55
CA GLY D 157 10.32 -11.50 14.69
C GLY D 157 9.81 -11.58 13.28
N HIS D 158 8.76 -10.83 12.94
CA HIS D 158 8.14 -10.93 11.63
C HIS D 158 8.57 -9.78 10.71
N TYR D 159 7.95 -8.62 10.88
CA TYR D 159 8.18 -7.51 9.97
C TYR D 159 7.84 -6.20 10.68
N LEU D 160 8.00 -5.10 9.95
CA LEU D 160 7.60 -3.79 10.43
C LEU D 160 6.11 -3.57 10.17
N LYS D 161 5.39 -3.13 11.20
CA LYS D 161 3.96 -2.89 11.05
C LYS D 161 3.72 -1.60 10.27
N PRO D 162 2.56 -1.46 9.63
CA PRO D 162 2.28 -0.26 8.85
C PRO D 162 2.43 1.04 9.64
N LEU D 163 2.14 1.02 10.94
CA LEU D 163 2.39 2.20 11.76
C LEU D 163 3.88 2.50 11.86
N ASP D 164 4.70 1.45 11.97
CA ASP D 164 6.15 1.65 12.03
C ASP D 164 6.67 2.31 10.76
N LEU D 165 6.27 1.77 9.60
CA LEU D 165 6.72 2.34 8.33
C LEU D 165 6.21 3.76 8.14
N LYS D 166 4.96 4.03 8.54
CA LYS D 166 4.38 5.35 8.32
C LYS D 166 5.10 6.41 9.13
N PHE D 167 5.29 6.16 10.43
CA PHE D 167 5.95 7.16 11.28
C PHE D 167 7.40 7.36 10.86
N MET D 168 8.13 6.26 10.64
CA MET D 168 9.55 6.38 10.34
C MET D 168 9.80 7.10 9.02
N GLN D 169 8.89 6.95 8.05
CA GLN D 169 9.01 7.72 6.81
C GLN D 169 8.71 9.19 7.04
N SER D 170 7.98 9.53 8.09
CA SER D 170 7.66 10.92 8.41
C SER D 170 8.79 11.61 9.18
N VAL D 171 9.67 10.86 9.85
CA VAL D 171 10.61 11.45 10.80
C VAL D 171 12.05 11.42 10.30
N TYR D 172 12.41 10.53 9.37
CA TYR D 172 13.81 10.27 9.10
C TYR D 172 14.54 11.43 8.45
N GLU D 173 13.83 12.45 7.95
CA GLU D 173 14.47 13.63 7.39
C GLU D 173 14.57 14.77 8.38
N LYS D 174 13.91 14.68 9.53
CA LYS D 174 14.02 15.69 10.56
C LYS D 174 14.84 15.25 11.76
N CYS D 175 15.10 13.94 11.90
CA CYS D 175 15.88 13.41 13.00
C CYS D 175 16.79 12.31 12.48
N ASN D 176 17.90 12.09 13.18
CA ASN D 176 18.76 10.95 12.91
C ASN D 176 18.04 9.70 13.40
N LEU D 177 17.46 8.94 12.49
CA LEU D 177 16.64 7.79 12.84
C LEU D 177 17.53 6.61 13.24
N ILE D 178 17.35 6.13 14.46
CA ILE D 178 18.08 4.97 14.97
C ILE D 178 17.07 3.93 15.46
N PRO D 179 16.70 2.96 14.63
CA PRO D 179 15.73 1.96 15.05
C PRO D 179 16.40 0.85 15.87
N VAL D 180 15.71 0.42 16.93
CA VAL D 180 16.18 -0.65 17.78
C VAL D 180 15.09 -1.68 17.95
N ILE D 181 15.48 -2.91 18.23
CA ILE D 181 14.55 -3.99 18.54
C ILE D 181 14.51 -4.12 20.05
N ALA D 182 13.40 -3.72 20.66
CA ALA D 182 13.33 -3.72 22.11
C ALA D 182 13.09 -5.13 22.64
N LYS D 183 13.57 -5.37 23.85
CA LYS D 183 13.42 -6.66 24.53
C LYS D 183 13.91 -7.81 23.67
N SER D 184 15.02 -7.57 22.96
CA SER D 184 15.56 -8.58 22.06
C SER D 184 16.09 -9.82 22.77
N ASP D 185 16.03 -9.86 24.11
CA ASP D 185 16.45 -11.06 24.83
C ASP D 185 15.54 -12.24 24.54
N ILE D 186 14.31 -11.99 24.10
CA ILE D 186 13.36 -13.09 23.85
C ILE D 186 13.55 -13.72 22.49
N LEU D 187 14.33 -13.11 21.61
CA LEU D 187 14.58 -13.65 20.29
C LEU D 187 15.81 -14.57 20.33
N THR D 188 15.76 -15.63 19.53
CA THR D 188 16.95 -16.43 19.34
C THR D 188 17.92 -15.70 18.41
N ASP D 189 19.15 -16.21 18.36
CA ASP D 189 20.17 -15.59 17.51
C ASP D 189 19.75 -15.65 16.04
N GLU D 190 19.08 -16.73 15.64
CA GLU D 190 18.63 -16.84 14.26
C GLU D 190 17.44 -15.93 13.99
N GLU D 191 16.58 -15.73 14.99
CA GLU D 191 15.45 -14.83 14.83
C GLU D 191 15.89 -13.38 14.72
N ILE D 192 16.97 -13.01 15.42
CA ILE D 192 17.49 -11.64 15.33
C ILE D 192 17.99 -11.37 13.92
N LEU D 193 18.80 -12.28 13.37
CA LEU D 193 19.31 -12.11 12.02
C LEU D 193 18.19 -12.00 11.00
N SER D 194 17.19 -12.88 11.08
CA SER D 194 16.10 -12.88 10.11
C SER D 194 15.21 -11.65 10.27
N PHE D 195 14.93 -11.26 11.52
CA PHE D 195 14.12 -10.07 11.76
C PHE D 195 14.85 -8.80 11.36
N LYS D 196 16.16 -8.73 11.63
CA LYS D 196 16.96 -7.60 11.18
C LYS D 196 16.96 -7.49 9.66
N LYS D 197 17.01 -8.63 8.97
CA LYS D 197 17.10 -8.59 7.51
C LYS D 197 15.77 -8.16 6.89
N THR D 198 14.65 -8.56 7.49
CA THR D 198 13.35 -8.14 6.96
C THR D 198 13.11 -6.65 7.20
N ILE D 199 13.50 -6.15 8.38
CA ILE D 199 13.31 -4.74 8.68
C ILE D 199 14.12 -3.87 7.73
N MET D 200 15.38 -4.27 7.48
CA MET D 200 16.24 -3.48 6.61
C MET D 200 15.70 -3.43 5.19
N ASN D 201 15.17 -4.55 4.69
CA ASN D 201 14.64 -4.56 3.34
C ASN D 201 13.40 -3.66 3.23
N GLN D 202 12.57 -3.63 4.27
CA GLN D 202 11.41 -2.75 4.27
C GLN D 202 11.85 -1.27 4.29
N LEU D 203 12.83 -0.95 5.14
CA LEU D 203 13.31 0.43 5.20
C LEU D 203 13.97 0.85 3.89
N ILE D 204 14.64 -0.08 3.21
CA ILE D 204 15.26 0.24 1.92
C ILE D 204 14.21 0.37 0.84
N GLN D 205 13.17 -0.47 0.88
CA GLN D 205 12.10 -0.39 -0.11
C GLN D 205 11.34 0.92 -0.01
N SER D 206 11.27 1.52 1.17
CA SER D 206 10.64 2.82 1.38
C SER D 206 11.63 3.97 1.28
N ASN D 207 12.90 3.69 0.97
CA ASN D 207 13.96 4.69 0.91
C ASN D 207 14.01 5.51 2.20
N ILE D 208 13.94 4.80 3.32
CA ILE D 208 14.03 5.42 4.64
C ILE D 208 15.49 5.44 5.06
N GLU D 209 16.04 6.64 5.22
CA GLU D 209 17.46 6.82 5.49
C GLU D 209 17.70 6.77 6.99
N LEU D 210 18.52 5.81 7.42
CA LEU D 210 18.97 5.74 8.80
C LEU D 210 20.28 6.51 8.97
N PHE D 211 20.64 6.76 10.21
CA PHE D 211 21.89 7.48 10.48
C PHE D 211 23.08 6.59 10.14
N LYS D 212 24.04 7.14 9.42
CA LYS D 212 25.21 6.41 8.97
C LYS D 212 26.47 7.09 9.51
N PRO D 213 27.26 6.44 10.35
CA PRO D 213 28.46 7.08 10.90
C PRO D 213 29.53 7.23 9.84
N PRO D 214 30.11 8.43 9.69
CA PRO D 214 31.16 8.67 8.71
C PRO D 214 32.50 8.04 9.11
N LEU D 230 29.14 -0.72 12.75
CA LEU D 230 28.04 -0.09 13.49
C LEU D 230 26.80 0.09 12.63
N PHE D 231 27.00 0.57 11.40
CA PHE D 231 25.85 0.85 10.53
C PHE D 231 25.23 -0.44 10.00
N SER D 232 26.05 -1.46 9.73
CA SER D 232 25.54 -2.69 9.16
C SER D 232 24.78 -3.55 10.18
N SER D 233 24.89 -3.25 11.47
CA SER D 233 24.20 -4.01 12.50
C SER D 233 22.83 -3.44 12.83
N LEU D 234 22.39 -2.38 12.15
CA LEU D 234 21.08 -1.81 12.40
C LEU D 234 20.00 -2.72 11.84
N PRO D 235 18.83 -2.80 12.50
CA PRO D 235 18.48 -2.15 13.78
C PRO D 235 19.14 -2.85 14.96
N TYR D 236 19.43 -2.13 16.04
CA TYR D 236 20.16 -2.71 17.16
C TYR D 236 19.24 -3.57 18.01
N ALA D 237 19.66 -4.80 18.29
CA ALA D 237 18.93 -5.69 19.19
C ALA D 237 19.41 -5.43 20.60
N VAL D 238 18.71 -4.53 21.29
CA VAL D 238 19.16 -4.01 22.57
C VAL D 238 18.37 -4.67 23.69
N ILE D 239 18.86 -4.49 24.92
CA ILE D 239 18.15 -4.87 26.14
C ILE D 239 18.31 -3.72 27.13
N GLY D 240 17.34 -3.59 28.02
CA GLY D 240 17.37 -2.52 29.00
C GLY D 240 17.29 -3.00 30.43
N SER D 241 18.28 -2.61 31.25
CA SER D 241 18.28 -2.93 32.67
C SER D 241 19.38 -2.18 33.41
N ASN D 242 19.01 -1.45 34.47
CA ASN D 242 19.97 -0.84 35.37
C ASN D 242 19.96 -1.50 36.74
N ASP D 243 19.51 -2.74 36.81
CA ASP D 243 19.42 -3.49 38.07
C ASP D 243 20.52 -4.54 38.11
N ILE D 244 21.13 -4.70 39.27
CA ILE D 244 22.24 -5.63 39.43
C ILE D 244 21.70 -7.02 39.72
N VAL D 245 22.19 -8.02 38.97
CA VAL D 245 21.84 -9.42 39.18
C VAL D 245 23.13 -10.22 39.29
N GLU D 246 22.97 -11.47 39.70
CA GLU D 246 24.10 -12.40 39.87
C GLU D 246 24.02 -13.46 38.78
N ASN D 247 25.02 -13.50 37.91
CA ASN D 247 25.01 -14.45 36.81
C ASN D 247 25.46 -15.82 37.30
N TYR D 248 25.30 -16.82 36.42
CA TYR D 248 25.65 -18.20 36.75
C TYR D 248 27.12 -18.36 37.13
N SER D 249 27.96 -17.36 36.87
CA SER D 249 29.35 -17.42 37.31
C SER D 249 29.56 -16.86 38.72
N GLY D 250 28.57 -16.14 39.25
CA GLY D 250 28.64 -15.65 40.62
C GLY D 250 28.95 -14.18 40.76
N ASN D 251 29.10 -13.45 39.66
CA ASN D 251 29.47 -12.04 39.69
C ASN D 251 28.24 -11.16 39.62
N GLN D 252 28.42 -9.90 40.00
CA GLN D 252 27.36 -8.91 39.97
C GLN D 252 27.41 -8.16 38.63
N VAL D 253 26.32 -8.21 37.87
CA VAL D 253 26.23 -7.62 36.55
C VAL D 253 24.91 -6.88 36.41
N ARG D 254 24.84 -6.03 35.39
CA ARG D 254 23.58 -5.39 34.99
C ARG D 254 22.85 -6.29 34.01
N GLY D 255 21.60 -6.62 34.32
CA GLY D 255 20.84 -7.48 33.43
C GLY D 255 19.55 -7.93 34.08
N ARG D 256 18.99 -9.01 33.51
CA ARG D 256 17.72 -9.56 33.96
C ARG D 256 17.88 -11.05 34.21
N SER D 257 17.29 -11.53 35.30
CA SER D 257 17.46 -12.91 35.74
C SER D 257 16.16 -13.68 35.52
N TYR D 258 16.26 -14.82 34.84
CA TYR D 258 15.14 -15.67 34.51
C TYR D 258 15.42 -17.09 34.94
N PRO D 259 14.39 -17.94 35.02
CA PRO D 259 14.64 -19.38 35.20
C PRO D 259 15.35 -20.04 34.02
N TRP D 260 15.39 -19.39 32.86
CA TRP D 260 16.11 -19.93 31.71
C TRP D 260 17.49 -19.31 31.55
N GLY D 261 17.91 -18.45 32.47
CA GLY D 261 19.24 -17.87 32.40
C GLY D 261 19.29 -16.42 32.82
N VAL D 262 20.49 -15.83 32.77
CA VAL D 262 20.72 -14.45 33.15
C VAL D 262 21.36 -13.75 31.95
N ILE D 263 20.63 -12.82 31.35
CA ILE D 263 21.19 -12.01 30.27
C ILE D 263 21.82 -10.76 30.87
N GLU D 264 23.03 -10.44 30.42
CA GLU D 264 23.81 -9.33 30.95
C GLU D 264 23.78 -8.19 29.95
N VAL D 265 23.48 -6.98 30.45
CA VAL D 265 23.37 -5.82 29.57
C VAL D 265 24.70 -5.52 28.91
N ASP D 266 25.75 -5.38 29.71
CA ASP D 266 27.07 -4.98 29.24
C ASP D 266 27.82 -6.09 28.54
N ASN D 267 27.17 -7.22 28.25
CA ASN D 267 27.81 -8.32 27.55
C ASN D 267 27.63 -8.14 26.04
N ASP D 268 28.73 -8.07 25.31
CA ASP D 268 28.67 -7.87 23.87
C ASP D 268 27.98 -9.03 23.17
N ASN D 269 28.10 -10.24 23.73
CA ASN D 269 27.54 -11.42 23.10
C ASN D 269 26.06 -11.63 23.42
N HIS D 270 25.47 -10.80 24.28
CA HIS D 270 24.07 -10.94 24.64
C HIS D 270 23.14 -9.97 23.91
N SER D 271 23.62 -8.77 23.58
CA SER D 271 22.78 -7.79 22.91
C SER D 271 23.67 -6.77 22.20
N ASP D 272 23.04 -5.89 21.44
CA ASP D 272 23.71 -4.79 20.77
C ASP D 272 23.74 -3.51 21.60
N PHE D 273 23.55 -3.62 22.92
CA PHE D 273 23.44 -2.42 23.75
C PHE D 273 24.71 -1.58 23.68
N ASN D 274 25.87 -2.22 23.65
CA ASN D 274 27.12 -1.47 23.57
C ASN D 274 27.26 -0.76 22.23
N LEU D 275 26.69 -1.34 21.16
CA LEU D 275 26.70 -0.65 19.87
C LEU D 275 25.87 0.63 19.95
N LEU D 276 24.70 0.55 20.57
CA LEU D 276 23.86 1.74 20.73
C LEU D 276 24.54 2.78 21.62
N LYS D 277 25.21 2.34 22.69
CA LYS D 277 25.88 3.28 23.58
C LYS D 277 27.05 3.96 22.88
N ASN D 278 27.76 3.23 22.01
CA ASN D 278 28.85 3.84 21.24
C ASN D 278 28.31 4.85 20.23
N LEU D 279 27.23 4.51 19.55
CA LEU D 279 26.67 5.42 18.55
C LEU D 279 26.13 6.69 19.19
N LEU D 280 25.32 6.54 20.24
CA LEU D 280 24.68 7.69 20.86
C LEU D 280 25.66 8.51 21.69
N ILE D 281 26.52 7.85 22.45
CA ILE D 281 27.27 8.54 23.50
C ILE D 281 28.78 8.45 23.29
N LYS D 282 29.32 7.24 23.41
CA LYS D 282 30.77 7.10 23.57
C LYS D 282 31.56 7.54 22.34
N GLN D 283 30.97 7.44 21.15
CA GLN D 283 31.71 7.74 19.93
C GLN D 283 31.07 8.86 19.11
N PHE D 284 29.85 8.66 18.60
CA PHE D 284 29.31 9.49 17.52
C PHE D 284 28.26 10.49 18.00
N MET D 285 28.41 11.02 19.22
CA MET D 285 27.47 12.04 19.68
C MET D 285 27.68 13.36 18.94
N GLU D 286 28.94 13.70 18.65
CA GLU D 286 29.23 15.00 18.04
C GLU D 286 28.75 15.05 16.60
N GLU D 287 28.92 13.96 15.85
CA GLU D 287 28.43 13.92 14.47
C GLU D 287 26.91 13.78 14.39
N LEU D 288 26.28 13.24 15.44
CA LEU D 288 24.81 13.27 15.50
C LEU D 288 24.30 14.69 15.58
N LYS D 289 24.83 15.48 16.52
CA LYS D 289 24.44 16.87 16.64
C LYS D 289 24.85 17.66 15.41
N GLU D 290 26.02 17.36 14.86
CA GLU D 290 26.50 18.06 13.67
C GLU D 290 25.55 17.88 12.50
N ARG D 291 25.03 16.66 12.33
CA ARG D 291 24.09 16.41 11.23
C ARG D 291 22.76 17.12 11.47
N THR D 292 22.29 17.15 12.72
CA THR D 292 21.04 17.83 13.02
C THR D 292 21.12 19.32 12.69
N SER D 293 22.30 19.90 12.86
CA SER D 293 22.46 21.35 12.73
C SER D 293 22.73 21.78 11.29
N LYS D 294 23.69 21.14 10.63
CA LYS D 294 24.15 21.59 9.32
C LYS D 294 23.36 21.01 8.16
N ILE D 295 22.50 20.03 8.40
CA ILE D 295 21.84 19.33 7.30
C ILE D 295 20.34 19.20 7.55
N LEU D 296 19.97 18.53 8.63
CA LEU D 296 18.55 18.27 8.90
C LEU D 296 17.79 19.57 9.14
N TYR D 297 18.29 20.41 10.05
CA TYR D 297 17.64 21.69 10.29
C TYR D 297 17.69 22.58 9.06
N GLU D 298 18.79 22.52 8.30
CA GLU D 298 18.90 23.33 7.09
C GLU D 298 17.88 22.92 6.05
N ASN D 299 17.66 21.61 5.91
CA ASN D 299 16.66 21.14 4.94
C ASN D 299 15.25 21.48 5.39
N TYR D 300 15.01 21.55 6.71
CA TYR D 300 13.73 22.02 7.20
C TYR D 300 13.54 23.51 6.94
N ARG D 301 14.62 24.28 7.00
CA ARG D 301 14.54 25.71 6.74
C ARG D 301 14.25 25.99 5.27
N SER D 302 14.99 25.32 4.37
CA SER D 302 14.76 25.50 2.95
C SER D 302 13.34 25.11 2.56
N SER D 303 12.82 24.03 3.16
CA SER D 303 11.46 23.60 2.86
C SER D 303 10.43 24.63 3.32
N LYS D 304 10.67 25.25 4.48
CA LYS D 304 9.70 26.19 5.03
C LYS D 304 9.74 27.52 4.28
N LEU D 305 10.94 27.98 3.90
CA LEU D 305 11.05 29.24 3.18
C LEU D 305 10.65 29.11 1.71
N ALA D 306 10.78 27.91 1.13
CA ALA D 306 10.33 27.69 -0.23
C ALA D 306 8.81 27.79 -0.33
N LYS D 307 8.10 27.30 0.69
CA LYS D 307 6.64 27.40 0.73
C LYS D 307 6.15 28.79 1.09
N LEU D 308 7.05 29.76 1.28
CA LEU D 308 6.67 31.12 1.60
C LEU D 308 7.34 32.13 0.67
PB GDP E . 3.29 7.14 -29.48
O1B GDP E . 4.51 7.24 -30.35
O2B GDP E . 2.61 5.80 -29.66
O3B GDP E . 3.68 7.28 -28.03
O3A GDP E . 2.24 8.31 -29.83
PA GDP E . 2.46 9.27 -31.10
O1A GDP E . 3.68 10.13 -30.93
O2A GDP E . 2.53 8.45 -32.36
O5' GDP E . 1.12 10.15 -31.08
C5' GDP E . -0.13 9.53 -31.38
C4' GDP E . -1.12 10.59 -31.83
O4' GDP E . -1.17 11.59 -30.82
C3' GDP E . -0.61 11.24 -33.10
O3' GDP E . -1.67 11.24 -34.08
C2' GDP E . -0.28 12.67 -32.72
O2' GDP E . -0.74 13.58 -33.72
C1' GDP E . -0.99 12.89 -31.39
N9 GDP E . -0.14 13.72 -30.50
C8 GDP E . 1.19 13.66 -30.38
N7 GDP E . 1.63 14.55 -29.46
C5 GDP E . 0.56 15.19 -28.97
C6 GDP E . 0.32 16.26 -27.96
O6 GDP E . 1.27 16.77 -27.34
N1 GDP E . -0.95 16.63 -27.74
C2 GDP E . -1.99 16.09 -28.39
N2 GDP E . -3.24 16.54 -28.11
N3 GDP E . -1.84 15.11 -29.33
C4 GDP E . -0.62 14.64 -29.65
NA NA F . 12.16 -6.83 -12.38
NA NA G . 18.20 -7.28 -23.12
NA NA H . -3.55 -9.48 -25.06
PG GTP I . -13.57 9.06 -12.13
O1G GTP I . -14.94 8.72 -11.61
O2G GTP I . -12.55 8.11 -11.52
O3G GTP I . -13.22 10.48 -11.75
O3B GTP I . -13.57 8.88 -13.74
PB GTP I . -14.51 9.81 -14.65
O1B GTP I . -14.69 9.19 -16.01
O2B GTP I . -15.86 10.03 -13.99
O3A GTP I . -13.69 11.19 -14.78
PA GTP I . -14.43 12.61 -14.64
O1A GTP I . -15.71 12.61 -15.44
O2A GTP I . -14.69 12.94 -13.19
O5' GTP I . -13.38 13.67 -15.24
C5' GTP I . -12.04 13.31 -15.45
C4' GTP I . -11.26 14.59 -15.72
O4' GTP I . -11.29 14.81 -17.11
C3' GTP I . -11.93 15.78 -15.06
O3' GTP I . -10.94 16.53 -14.38
C2' GTP I . -12.49 16.62 -16.19
O2' GTP I . -12.23 17.98 -15.97
C1' GTP I . -11.75 16.11 -17.42
N9 GTP I . -12.66 16.07 -18.59
C8 GTP I . -13.98 15.71 -18.60
N7 GTP I . -14.43 15.82 -19.88
C5 GTP I . -13.41 16.24 -20.67
C6 GTP I . -13.32 16.50 -22.03
O6 GTP I . -14.31 16.35 -22.75
N1 GTP I . -12.13 16.92 -22.56
C2 GTP I . -11.02 17.08 -21.75
N2 GTP I . -9.87 17.48 -22.26
N3 GTP I . -11.12 16.81 -20.40
C4 GTP I . -12.30 16.40 -19.87
MG MG J . -16.82 9.58 -11.59
NA NA K . -9.67 -12.02 -21.33
NA NA L . -3.55 -5.37 -9.44
NA NA M . -4.58 9.32 -24.13
PB GDP N . 2.02 -15.81 15.07
O1B GDP N . 1.58 -14.71 14.13
O2B GDP N . 1.43 -15.53 16.44
O3B GDP N . 1.53 -17.14 14.57
O3A GDP N . 3.63 -15.81 15.18
PA GDP N . 4.48 -17.17 15.28
O1A GDP N . 4.91 -17.68 13.92
O2A GDP N . 3.72 -18.24 16.03
O5' GDP N . 5.78 -16.68 16.11
C5' GDP N . 6.59 -15.65 15.56
C4' GDP N . 7.99 -15.78 16.12
O4' GDP N . 7.91 -15.81 17.55
C3' GDP N . 8.62 -17.08 15.68
O3' GDP N . 9.87 -16.80 15.05
C2' GDP N . 8.82 -17.90 16.94
O2' GDP N . 10.11 -18.51 16.94
C1' GDP N . 8.70 -16.88 18.07
N9 GDP N . 8.02 -17.45 19.26
C8 GDP N . 6.95 -18.26 19.29
N7 GDP N . 6.60 -18.57 20.57
C5 GDP N . 7.46 -17.93 21.39
C6 GDP N . 7.67 -17.82 22.85
O6 GDP N . 6.94 -18.40 23.66
N1 GDP N . 8.69 -17.06 23.28
C2 GDP N . 9.51 -16.41 22.44
N2 GDP N . 10.51 -15.65 22.94
N3 GDP N . 9.38 -16.47 21.09
C4 GDP N . 8.39 -17.20 20.52
NA NA O . -19.75 -6.18 16.91
NA NA P . -24.96 -41.93 22.51
NA NA Q . -21.45 -34.56 28.57
NA NA R . -6.84 -28.43 35.25
NA NA S . -18.96 -15.00 8.74
NA NA T . -2.71 0.09 6.97
PG GTP U . 6.23 3.04 30.39
O1G GTP U . 6.98 4.33 30.58
O2G GTP U . 4.75 3.34 30.32
O3G GTP U . 6.47 2.12 31.55
O3B GTP U . 6.71 2.36 29.02
PB GTP U . 8.27 2.08 28.69
O1B GTP U . 8.46 1.96 27.20
O2B GTP U . 9.14 3.18 29.23
O3A GTP U . 8.61 0.67 29.38
PA GTP U . 9.56 0.54 30.67
O1A GTP U . 11.00 0.80 30.30
O2A GTP U . 9.12 1.46 31.77
O5' GTP U . 9.37 -0.99 31.13
C5' GTP U . 8.54 -1.88 30.39
C4' GTP U . 8.64 -3.26 31.02
O4' GTP U . 9.52 -4.04 30.24
C3' GTP U . 9.24 -3.18 32.41
O3' GTP U . 8.53 -4.03 33.28
C2' GTP U . 10.66 -3.69 32.26
O2' GTP U . 11.07 -4.42 33.39
C1' GTP U . 10.58 -4.57 31.03
N9 GTP U . 11.84 -4.49 30.27
C8 GTP U . 12.68 -3.42 30.17
N7 GTP U . 13.73 -3.76 29.39
C5 GTP U . 13.57 -5.05 28.99
C6 GTP U . 14.33 -5.89 28.20
O6 GTP U . 15.39 -5.47 27.70
N1 GTP U . 13.90 -7.17 27.95
C2 GTP U . 12.72 -7.63 28.52
N2 GTP U . 12.30 -8.87 28.29
N3 GTP U . 11.97 -6.78 29.30
C4 GTP U . 12.38 -5.52 29.54
MG MG V . 8.56 5.71 29.89
NA NA W . -1.60 7.53 8.42
#